data_4JFR
#
_entry.id   4JFR
#
_cell.length_a   81.343
_cell.length_b   80.916
_cell.length_c   177.637
_cell.angle_alpha   90.000
_cell.angle_beta   90.000
_cell.angle_gamma   90.000
#
_symmetry.space_group_name_H-M   'P 21 21 21'
#
loop_
_entity.id
_entity.type
_entity.pdbx_description
1 polymer 'Ornithine carbamoyltransferase'
2 non-polymer 'PHOSPHORIC ACID MONO(FORMAMIDE)ESTER'
3 non-polymer 'CHLORIDE ION'
4 non-polymer 'MAGNESIUM ION'
5 water water
#
_entity_poly.entity_id   1
_entity_poly.type   'polypeptide(L)'
_entity_poly.pdbx_seq_one_letter_code
;MHHHHHHSSGVDLGTENLYFQSNAMAFNLRNRNFLKLLDFSTKEIQFLIDLSADLKKAKYAGTEQKKLLGKNIALIFEKA
STRTRCAFEVAAFDQGAQVTYIGPSGSQIGDKESMKDTARVLGRMYDGIQYRGFGQAIVEELGAFAGVPVWNGLTDEFHP
TQILADFLTMLEHSQGKALADIQFAYLGDARNNVGNSLMVGAAKMGMDIRLVGPQAYWPDEELVAACQAIAKQTGGKITL
TENVAEGVQGCDFLYTDVWVSMGESPEAWDERVALMKPYQVNMNVLKQTGNPNVKFMHCLPAFHNDETTIGKQVADKFGM
KGLEVTEEVFESEHSIVFDEAENRMHTIKAVMVATLGS
;
_entity_poly.pdbx_strand_id   A,B,C
#
loop_
_chem_comp.id
_chem_comp.type
_chem_comp.name
_chem_comp.formula
CL non-polymer 'CHLORIDE ION' 'Cl -1'
CP non-polymer 'PHOSPHORIC ACID MONO(FORMAMIDE)ESTER' 'C H4 N O5 P'
MG non-polymer 'MAGNESIUM ION' 'Mg 2'
#
# COMPACT_ATOMS: atom_id res chain seq x y z
N ASN A 23 -32.22 -18.20 -1.99
CA ASN A 23 -32.81 -18.93 -3.18
C ASN A 23 -33.07 -17.93 -4.34
N ALA A 24 -34.26 -17.32 -4.34
CA ALA A 24 -34.51 -16.16 -5.21
C ALA A 24 -33.53 -15.03 -4.91
N MET A 25 -33.25 -14.77 -3.61
CA MET A 25 -32.45 -13.61 -3.23
C MET A 25 -31.03 -13.81 -3.75
N ALA A 26 -30.49 -15.03 -3.68
CA ALA A 26 -29.10 -15.23 -4.14
C ALA A 26 -29.00 -14.85 -5.60
N PHE A 27 -29.93 -15.37 -6.39
CA PHE A 27 -29.90 -15.14 -7.81
C PHE A 27 -29.98 -13.62 -8.09
N ASN A 28 -30.84 -12.96 -7.35
CA ASN A 28 -31.10 -11.52 -7.58
C ASN A 28 -29.98 -10.58 -7.16
N LEU A 29 -29.06 -11.08 -6.36
CA LEU A 29 -27.96 -10.25 -5.86
C LEU A 29 -26.73 -10.29 -6.74
N ARG A 30 -26.62 -11.31 -7.58
CA ARG A 30 -25.48 -11.45 -8.44
C ARG A 30 -25.23 -10.24 -9.29
N ASN A 31 -23.99 -9.76 -9.33
CA ASN A 31 -23.61 -8.56 -10.09
C ASN A 31 -24.22 -7.22 -9.71
N ARG A 32 -24.95 -7.17 -8.62
CA ARG A 32 -25.44 -5.90 -8.12
C ARG A 32 -24.27 -5.10 -7.48
N ASN A 33 -24.38 -3.77 -7.54
CA ASN A 33 -23.62 -2.85 -6.68
C ASN A 33 -24.11 -2.93 -5.25
N PHE A 34 -23.31 -2.48 -4.27
CA PHE A 34 -23.79 -2.32 -2.87
C PHE A 34 -23.51 -0.93 -2.42
N LEU A 35 -24.38 -0.01 -2.82
CA LEU A 35 -24.13 1.43 -2.64
C LEU A 35 -24.85 2.13 -1.49
N LYS A 36 -25.97 1.55 -1.08
CA LYS A 36 -26.78 2.03 0.04
C LYS A 36 -27.86 1.04 0.33
N LEU A 37 -28.36 1.01 1.56
CA LEU A 37 -29.40 0.06 1.94
C LEU A 37 -30.73 0.35 1.23
N LEU A 38 -30.91 1.59 0.77
CA LEU A 38 -32.15 1.93 0.06
C LEU A 38 -32.21 1.23 -1.34
N ASP A 39 -31.14 0.57 -1.77
CA ASP A 39 -31.16 -0.21 -3.01
C ASP A 39 -31.55 -1.66 -2.84
N PHE A 40 -31.87 -2.09 -1.62
CA PHE A 40 -32.20 -3.49 -1.36
C PHE A 40 -33.52 -3.67 -0.66
N SER A 41 -34.11 -4.85 -0.87
CA SER A 41 -35.32 -5.23 -0.18
C SER A 41 -34.98 -5.81 1.19
N THR A 42 -36.01 -5.86 2.03
CA THR A 42 -35.90 -6.47 3.35
C THR A 42 -35.26 -7.84 3.27
N LYS A 43 -35.77 -8.67 2.37
CA LYS A 43 -35.30 -10.01 2.29
C LYS A 43 -33.90 -10.10 1.71
N GLU A 44 -33.48 -9.20 0.83
CA GLU A 44 -32.10 -9.20 0.38
C GLU A 44 -31.14 -8.90 1.53
N ILE A 45 -31.51 -7.96 2.40
CA ILE A 45 -30.67 -7.57 3.52
C ILE A 45 -30.56 -8.77 4.50
N GLN A 46 -31.69 -9.38 4.79
CA GLN A 46 -31.72 -10.49 5.67
C GLN A 46 -30.89 -11.60 5.09
N PHE A 47 -31.02 -11.84 3.79
CA PHE A 47 -30.15 -12.83 3.13
C PHE A 47 -28.64 -12.49 3.28
N LEU A 48 -28.26 -11.23 3.11
CA LEU A 48 -26.84 -10.86 3.35
C LEU A 48 -26.34 -11.16 4.78
N ILE A 49 -27.19 -10.87 5.73
CA ILE A 49 -26.86 -11.09 7.13
C ILE A 49 -26.72 -12.57 7.41
N ASP A 50 -27.69 -13.34 6.91
CA ASP A 50 -27.64 -14.80 7.04
C ASP A 50 -26.40 -15.39 6.40
N LEU A 51 -26.09 -14.92 5.21
CA LEU A 51 -24.87 -15.34 4.53
C LEU A 51 -23.61 -15.00 5.33
N SER A 52 -23.57 -13.80 5.93
CA SER A 52 -22.46 -13.41 6.87
C SER A 52 -22.24 -14.38 8.00
N ALA A 53 -23.35 -14.75 8.66
CA ALA A 53 -23.29 -15.72 9.75
C ALA A 53 -22.74 -17.08 9.24
N ASP A 54 -23.21 -17.53 8.06
CA ASP A 54 -22.68 -18.77 7.49
C ASP A 54 -21.17 -18.70 7.14
N LEU A 55 -20.71 -17.58 6.62
CA LEU A 55 -19.30 -17.42 6.28
C LEU A 55 -18.42 -17.36 7.55
N LYS A 56 -18.97 -16.73 8.58
CA LYS A 56 -18.27 -16.63 9.86
C LYS A 56 -18.03 -18.01 10.47
N LYS A 57 -19.09 -18.80 10.51
CA LYS A 57 -19.02 -20.18 10.98
C LYS A 57 -18.05 -21.03 10.15
N ALA A 58 -18.11 -20.90 8.82
CA ALA A 58 -17.21 -21.71 7.94
C ALA A 58 -15.75 -21.37 8.18
N LYS A 59 -15.46 -20.08 8.30
CA LYS A 59 -14.13 -19.67 8.64
C LYS A 59 -13.64 -20.30 9.93
N TYR A 60 -14.41 -20.12 11.00
CA TYR A 60 -14.05 -20.68 12.33
C TYR A 60 -13.86 -22.21 12.29
N ALA A 61 -14.56 -22.91 11.39
CA ALA A 61 -14.47 -24.39 11.31
C ALA A 61 -13.40 -24.88 10.33
N GLY A 62 -12.73 -23.98 9.62
CA GLY A 62 -11.71 -24.37 8.66
C GLY A 62 -12.33 -24.97 7.41
N THR A 63 -13.56 -24.58 7.13
CA THR A 63 -14.40 -25.17 6.12
C THR A 63 -14.73 -24.23 4.94
N GLU A 64 -14.13 -23.04 4.95
CA GLU A 64 -14.53 -21.97 4.07
C GLU A 64 -14.28 -22.33 2.62
N GLN A 65 -15.24 -22.17 1.74
CA GLN A 65 -15.03 -22.40 0.33
CA GLN A 65 -15.03 -22.40 0.32
C GLN A 65 -14.78 -21.05 -0.37
N LYS A 66 -13.71 -20.98 -1.14
CA LYS A 66 -13.35 -19.79 -1.85
C LYS A 66 -14.14 -19.48 -3.10
N LYS A 67 -14.99 -18.46 -3.04
CA LYS A 67 -15.85 -18.11 -4.14
C LYS A 67 -15.28 -17.01 -4.97
N LEU A 68 -14.16 -16.39 -4.55
CA LEU A 68 -13.59 -15.26 -5.27
C LEU A 68 -12.22 -15.57 -5.81
N LEU A 69 -11.98 -16.84 -6.10
CA LEU A 69 -10.68 -17.33 -6.61
C LEU A 69 -10.41 -16.77 -7.96
N GLY A 70 -9.24 -16.21 -8.14
CA GLY A 70 -8.86 -15.54 -9.40
C GLY A 70 -9.46 -14.15 -9.60
N LYS A 71 -10.18 -13.63 -8.61
CA LYS A 71 -10.77 -12.27 -8.70
C LYS A 71 -9.81 -11.27 -8.13
N ASN A 72 -9.76 -10.13 -8.78
CA ASN A 72 -8.95 -9.02 -8.38
C ASN A 72 -9.84 -7.85 -8.04
N ILE A 73 -9.55 -7.19 -6.94
CA ILE A 73 -10.44 -6.15 -6.42
C ILE A 73 -9.60 -4.92 -6.14
N ALA A 74 -10.10 -3.75 -6.57
CA ALA A 74 -9.51 -2.44 -6.29
C ALA A 74 -10.18 -1.78 -5.07
N LEU A 75 -9.38 -1.30 -4.13
CA LEU A 75 -9.90 -0.66 -2.94
C LEU A 75 -9.50 0.81 -3.00
N ILE A 76 -10.46 1.65 -3.36
CA ILE A 76 -10.20 3.08 -3.45
C ILE A 76 -10.58 3.75 -2.17
N PHE A 77 -9.62 4.33 -1.50
CA PHE A 77 -9.90 5.08 -0.26
C PHE A 77 -9.51 6.56 -0.45
N GLU A 78 -10.49 7.43 -0.54
CA GLU A 78 -10.18 8.89 -0.55
C GLU A 78 -10.13 9.49 0.86
N LYS A 79 -10.59 8.75 1.86
CA LYS A 79 -10.46 9.14 3.27
C LYS A 79 -9.87 7.92 3.98
N ALA A 80 -9.38 8.16 5.20
CA ALA A 80 -8.77 7.22 6.11
C ALA A 80 -9.72 6.11 6.51
N SER A 81 -9.16 4.96 6.85
CA SER A 81 -9.90 3.82 7.37
C SER A 81 -8.99 2.83 8.10
N THR A 82 -9.48 2.23 9.16
CA THR A 82 -8.75 1.08 9.71
C THR A 82 -9.65 -0.11 9.45
N ARG A 83 -10.82 -0.09 10.09
CA ARG A 83 -11.72 -1.23 10.04
C ARG A 83 -12.13 -1.57 8.63
N THR A 84 -12.56 -0.55 7.85
CA THR A 84 -13.18 -0.87 6.58
C THR A 84 -12.12 -1.47 5.60
N ARG A 85 -10.95 -0.84 5.50
CA ARG A 85 -9.91 -1.32 4.65
C ARG A 85 -9.51 -2.72 5.03
N CYS A 86 -9.19 -2.91 6.30
CA CYS A 86 -8.79 -4.21 6.78
C CYS A 86 -9.84 -5.29 6.55
N ALA A 87 -11.10 -4.95 6.80
CA ALA A 87 -12.16 -5.85 6.57
C ALA A 87 -12.25 -6.33 5.11
N PHE A 88 -12.11 -5.40 4.18
CA PHE A 88 -12.13 -5.77 2.77
C PHE A 88 -10.93 -6.65 2.44
N GLU A 89 -9.76 -6.34 2.99
CA GLU A 89 -8.56 -7.08 2.61
C GLU A 89 -8.62 -8.50 3.12
N VAL A 90 -9.04 -8.67 4.37
CA VAL A 90 -9.09 -9.99 4.97
C VAL A 90 -10.18 -10.84 4.34
N ALA A 91 -11.30 -10.23 4.09
CA ALA A 91 -12.39 -10.90 3.42
C ALA A 91 -11.96 -11.37 2.05
N ALA A 92 -11.26 -10.52 1.32
CA ALA A 92 -10.80 -10.91 -0.01
C ALA A 92 -9.79 -12.03 0.01
N PHE A 93 -8.85 -11.94 0.92
CA PHE A 93 -7.84 -12.97 1.05
C PHE A 93 -8.43 -14.35 1.44
N ASP A 94 -9.28 -14.38 2.46
CA ASP A 94 -9.95 -15.57 2.86
C ASP A 94 -10.67 -16.20 1.64
N GLN A 95 -11.22 -15.37 0.77
CA GLN A 95 -12.02 -15.89 -0.32
C GLN A 95 -11.24 -16.19 -1.60
N GLY A 96 -9.92 -16.06 -1.56
CA GLY A 96 -9.03 -16.32 -2.70
C GLY A 96 -8.85 -15.17 -3.68
N ALA A 97 -9.35 -13.99 -3.36
CA ALA A 97 -9.09 -12.80 -4.19
C ALA A 97 -7.77 -12.13 -3.85
N GLN A 98 -7.34 -11.26 -4.75
CA GLN A 98 -6.21 -10.36 -4.50
C GLN A 98 -6.70 -8.88 -4.58
N VAL A 99 -6.02 -7.98 -3.85
CA VAL A 99 -6.46 -6.58 -3.74
C VAL A 99 -5.35 -5.61 -4.07
N THR A 100 -5.73 -4.49 -4.65
CA THR A 100 -4.91 -3.30 -4.79
C THR A 100 -5.50 -2.18 -3.94
N TYR A 101 -4.78 -1.74 -2.92
CA TYR A 101 -5.21 -0.63 -2.05
C TYR A 101 -4.72 0.65 -2.65
N ILE A 102 -5.63 1.56 -2.98
CA ILE A 102 -5.30 2.91 -3.49
C ILE A 102 -5.73 3.94 -2.46
N GLY A 103 -4.78 4.46 -1.71
CA GLY A 103 -5.07 5.28 -0.53
C GLY A 103 -5.21 6.78 -0.81
N PRO A 104 -5.47 7.56 0.23
CA PRO A 104 -5.74 9.02 0.08
C PRO A 104 -4.44 9.66 -0.38
N SER A 105 -4.51 10.53 -1.35
CA SER A 105 -3.37 11.36 -1.70
C SER A 105 -3.78 12.87 -1.78
N GLY A 106 -2.90 13.70 -2.31
CA GLY A 106 -3.25 15.10 -2.59
C GLY A 106 -4.25 15.30 -3.72
N SER A 107 -4.39 14.32 -4.64
CA SER A 107 -5.46 14.39 -5.69
C SER A 107 -6.66 13.49 -5.40
N GLN A 108 -7.83 14.13 -5.43
CA GLN A 108 -9.10 13.43 -5.39
C GLN A 108 -9.50 13.11 -6.83
N ILE A 109 -10.19 12.00 -7.00
CA ILE A 109 -10.87 11.71 -8.27
C ILE A 109 -11.83 12.88 -8.53
N GLY A 110 -11.82 13.36 -9.77
CA GLY A 110 -12.49 14.59 -10.17
C GLY A 110 -11.61 15.85 -10.15
N ASP A 111 -10.37 15.80 -9.68
CA ASP A 111 -9.57 17.01 -9.70
C ASP A 111 -9.02 17.20 -11.11
N LYS A 112 -8.31 16.18 -11.57
CA LYS A 112 -7.73 16.11 -12.89
C LYS A 112 -8.22 14.98 -13.85
N GLU A 113 -8.85 13.92 -13.32
CA GLU A 113 -9.46 12.85 -14.13
C GLU A 113 -10.88 12.61 -13.62
N SER A 114 -11.87 12.60 -14.49
CA SER A 114 -13.24 12.35 -14.03
C SER A 114 -13.43 10.91 -13.45
N MET A 115 -14.48 10.78 -12.68
CA MET A 115 -14.79 9.49 -12.07
C MET A 115 -15.29 8.56 -13.18
N LYS A 116 -15.91 9.15 -14.17
CA LYS A 116 -16.37 8.43 -15.33
C LYS A 116 -15.21 7.76 -16.15
N ASP A 117 -14.11 8.46 -16.36
CA ASP A 117 -12.89 7.85 -16.90
C ASP A 117 -12.22 6.80 -16.01
N THR A 118 -12.06 7.13 -14.73
CA THR A 118 -11.44 6.25 -13.78
C THR A 118 -12.18 4.91 -13.68
N ALA A 119 -13.51 5.02 -13.57
CA ALA A 119 -14.38 3.88 -13.44
C ALA A 119 -14.23 2.97 -14.62
N ARG A 120 -14.14 3.53 -15.81
CA ARG A 120 -14.08 2.64 -17.05
C ARG A 120 -12.74 1.94 -17.18
N VAL A 121 -11.67 2.61 -16.77
CA VAL A 121 -10.34 1.98 -16.73
C VAL A 121 -10.29 0.89 -15.64
N LEU A 122 -10.70 1.18 -14.42
CA LEU A 122 -10.66 0.18 -13.38
C LEU A 122 -11.52 -1.01 -13.69
N GLY A 123 -12.69 -0.77 -14.29
CA GLY A 123 -13.64 -1.79 -14.73
C GLY A 123 -13.13 -2.76 -15.78
N ARG A 124 -12.22 -2.28 -16.60
CA ARG A 124 -11.45 -3.19 -17.47
C ARG A 124 -10.43 -4.06 -16.80
N MET A 125 -9.85 -3.61 -15.71
CA MET A 125 -8.84 -4.40 -15.05
C MET A 125 -9.29 -5.20 -13.86
N TYR A 126 -10.27 -4.72 -13.09
CA TYR A 126 -10.66 -5.37 -11.88
C TYR A 126 -12.07 -6.02 -12.00
N ASP A 127 -12.34 -7.01 -11.15
CA ASP A 127 -13.61 -7.72 -11.09
C ASP A 127 -14.56 -7.10 -10.10
N GLY A 128 -14.07 -6.21 -9.26
CA GLY A 128 -14.92 -5.52 -8.31
C GLY A 128 -14.17 -4.35 -7.69
N ILE A 129 -14.91 -3.36 -7.18
CA ILE A 129 -14.30 -2.13 -6.71
C ILE A 129 -15.01 -1.65 -5.48
N GLN A 130 -14.24 -1.40 -4.43
CA GLN A 130 -14.70 -0.66 -3.29
C GLN A 130 -14.35 0.80 -3.39
N TYR A 131 -15.21 1.67 -2.86
CA TYR A 131 -14.94 3.09 -2.76
C TYR A 131 -15.37 3.63 -1.39
N ARG A 132 -14.47 4.36 -0.76
CA ARG A 132 -14.80 5.19 0.39
C ARG A 132 -14.40 6.59 0.03
N GLY A 133 -15.28 7.56 0.30
CA GLY A 133 -15.02 8.93 -0.11
C GLY A 133 -16.06 9.95 0.35
N PHE A 134 -16.42 10.84 -0.54
CA PHE A 134 -17.15 12.01 -0.22
C PHE A 134 -18.59 11.77 -0.58
N GLY A 135 -19.13 12.50 -1.56
CA GLY A 135 -20.58 12.49 -1.80
C GLY A 135 -21.03 11.17 -2.41
N GLN A 136 -22.20 10.73 -1.96
CA GLN A 136 -22.89 9.57 -2.49
C GLN A 136 -22.95 9.69 -4.04
N ALA A 137 -23.07 10.91 -4.59
CA ALA A 137 -23.13 11.05 -6.08
C ALA A 137 -21.88 10.48 -6.78
N ILE A 138 -20.75 10.57 -6.14
CA ILE A 138 -19.51 10.04 -6.70
C ILE A 138 -19.51 8.51 -6.77
N VAL A 139 -19.89 7.89 -5.69
CA VAL A 139 -19.92 6.44 -5.68
C VAL A 139 -21.04 5.91 -6.61
N GLU A 140 -22.10 6.66 -6.76
CA GLU A 140 -23.19 6.29 -7.74
C GLU A 140 -22.72 6.36 -9.17
N GLU A 141 -21.93 7.38 -9.48
CA GLU A 141 -21.31 7.49 -10.77
C GLU A 141 -20.31 6.36 -11.06
N LEU A 142 -19.44 6.09 -10.10
CA LEU A 142 -18.57 4.90 -10.18
C LEU A 142 -19.37 3.59 -10.43
N GLY A 143 -20.48 3.45 -9.70
CA GLY A 143 -21.33 2.30 -9.86
C GLY A 143 -22.01 2.26 -11.23
N ALA A 144 -22.28 3.41 -11.83
CA ALA A 144 -22.94 3.44 -13.12
C ALA A 144 -21.99 3.14 -14.24
N PHE A 145 -20.74 3.51 -14.08
CA PHE A 145 -19.79 3.40 -15.19
C PHE A 145 -18.77 2.29 -15.09
N ALA A 146 -18.62 1.62 -13.96
CA ALA A 146 -17.49 0.69 -13.90
C ALA A 146 -17.76 -0.59 -14.69
N GLY A 147 -19.01 -1.01 -14.77
CA GLY A 147 -19.35 -2.28 -15.44
C GLY A 147 -19.06 -3.50 -14.58
N VAL A 148 -18.66 -3.31 -13.33
CA VAL A 148 -18.46 -4.37 -12.35
C VAL A 148 -19.06 -3.92 -11.02
N PRO A 149 -19.34 -4.85 -10.13
CA PRO A 149 -19.88 -4.49 -8.85
C PRO A 149 -19.00 -3.51 -8.07
N VAL A 150 -19.66 -2.49 -7.54
CA VAL A 150 -19.03 -1.40 -6.80
C VAL A 150 -19.66 -1.35 -5.42
N TRP A 151 -18.82 -1.28 -4.38
CA TRP A 151 -19.28 -1.35 -2.99
C TRP A 151 -18.90 -0.09 -2.21
N ASN A 152 -19.87 0.51 -1.55
CA ASN A 152 -19.68 1.74 -0.78
C ASN A 152 -19.17 1.42 0.61
N GLY A 153 -17.88 1.74 0.83
CA GLY A 153 -17.28 1.55 2.12
C GLY A 153 -17.42 2.73 3.09
N LEU A 154 -18.15 3.75 2.69
CA LEU A 154 -18.48 4.98 3.42
C LEU A 154 -18.46 6.19 2.49
N THR A 155 -19.54 6.95 2.53
CA THR A 155 -19.64 8.26 1.88
C THR A 155 -20.17 9.22 2.95
N ASP A 156 -20.29 10.49 2.59
CA ASP A 156 -20.82 11.51 3.53
C ASP A 156 -22.20 11.11 4.03
N GLU A 157 -23.02 10.54 3.14
CA GLU A 157 -24.42 10.26 3.42
C GLU A 157 -24.71 8.92 4.06
N PHE A 158 -23.98 7.87 3.66
CA PHE A 158 -24.34 6.51 4.03
C PHE A 158 -23.13 5.65 4.32
N HIS A 159 -23.34 4.65 5.16
CA HIS A 159 -22.30 3.68 5.50
C HIS A 159 -22.90 2.28 5.63
N PRO A 160 -23.29 1.67 4.50
CA PRO A 160 -24.15 0.50 4.53
C PRO A 160 -23.50 -0.76 5.09
N THR A 161 -22.23 -0.95 4.83
CA THR A 161 -21.55 -2.15 5.34
C THR A 161 -21.52 -2.12 6.88
N GLN A 162 -21.33 -0.94 7.46
CA GLN A 162 -21.35 -0.82 8.92
C GLN A 162 -22.66 -1.33 9.51
N ILE A 163 -23.76 -1.00 8.90
CA ILE A 163 -25.07 -1.35 9.47
C ILE A 163 -25.35 -2.84 9.31
N LEU A 164 -24.92 -3.47 8.21
CA LEU A 164 -24.97 -4.94 8.18
C LEU A 164 -24.27 -5.55 9.39
N ALA A 165 -23.08 -5.05 9.66
CA ALA A 165 -22.30 -5.62 10.74
C ALA A 165 -23.04 -5.43 12.05
N ASP A 166 -23.61 -4.24 12.17
CA ASP A 166 -24.35 -3.89 13.41
C ASP A 166 -25.55 -4.83 13.61
N PHE A 167 -26.29 -5.08 12.53
CA PHE A 167 -27.43 -5.94 12.60
C PHE A 167 -27.06 -7.42 12.88
N LEU A 168 -26.01 -7.95 12.26
CA LEU A 168 -25.52 -9.26 12.63
C LEU A 168 -25.18 -9.32 14.09
N THR A 169 -24.49 -8.30 14.57
CA THR A 169 -24.07 -8.24 15.98
C THR A 169 -25.29 -8.23 16.91
N MET A 170 -26.30 -7.43 16.58
CA MET A 170 -27.50 -7.41 17.42
C MET A 170 -28.17 -8.78 17.49
N LEU A 171 -28.33 -9.43 16.33
CA LEU A 171 -28.90 -10.76 16.32
C LEU A 171 -28.11 -11.73 17.15
N GLU A 172 -26.80 -11.69 17.06
CA GLU A 172 -26.00 -12.58 17.87
C GLU A 172 -26.13 -12.29 19.33
N HIS A 173 -26.42 -11.05 19.72
CA HIS A 173 -26.46 -10.70 21.13
C HIS A 173 -27.89 -10.57 21.64
N SER A 174 -28.83 -11.18 20.95
CA SER A 174 -30.24 -11.06 21.31
C SER A 174 -30.95 -12.40 21.57
N GLN A 175 -30.22 -13.47 21.78
CA GLN A 175 -30.82 -14.76 22.19
C GLN A 175 -32.05 -15.15 21.39
N GLY A 176 -31.90 -15.29 20.09
CA GLY A 176 -32.97 -15.78 19.23
C GLY A 176 -34.06 -14.79 18.84
N LYS A 177 -34.08 -13.59 19.42
CA LYS A 177 -34.94 -12.51 18.90
C LYS A 177 -34.56 -12.14 17.46
N ALA A 178 -35.58 -11.87 16.66
CA ALA A 178 -35.37 -11.33 15.33
C ALA A 178 -35.25 -9.81 15.39
N LEU A 179 -34.78 -9.25 14.28
CA LEU A 179 -34.58 -7.82 14.16
C LEU A 179 -35.86 -7.03 14.38
N ALA A 180 -36.96 -7.51 13.80
CA ALA A 180 -38.25 -6.85 13.97
C ALA A 180 -38.65 -6.65 15.44
N ASP A 181 -38.08 -7.44 16.32
CA ASP A 181 -38.44 -7.44 17.74
C ASP A 181 -37.49 -6.57 18.56
N ILE A 182 -36.43 -6.07 17.93
CA ILE A 182 -35.40 -5.29 18.67
C ILE A 182 -35.68 -3.78 18.70
N GLN A 183 -35.26 -3.12 19.79
CA GLN A 183 -35.40 -1.68 19.98
C GLN A 183 -34.07 -1.13 20.32
N PHE A 184 -33.72 -0.01 19.71
CA PHE A 184 -32.41 0.59 19.97
C PHE A 184 -32.42 2.06 19.75
N ALA A 185 -31.46 2.73 20.38
CA ALA A 185 -31.33 4.18 20.27
C ALA A 185 -29.97 4.53 19.81
N TYR A 186 -29.91 5.52 18.92
CA TYR A 186 -28.66 6.08 18.45
C TYR A 186 -28.60 7.49 19.03
N LEU A 187 -27.49 7.78 19.71
CA LEU A 187 -27.27 9.09 20.36
C LEU A 187 -26.20 9.96 19.73
N GLY A 188 -26.52 11.24 19.59
CA GLY A 188 -25.53 12.22 19.17
C GLY A 188 -25.90 12.95 17.89
N ASP A 189 -25.01 12.85 16.92
CA ASP A 189 -25.18 13.56 15.67
C ASP A 189 -25.84 12.55 14.76
N ALA A 190 -27.17 12.67 14.63
CA ALA A 190 -27.95 11.68 13.91
C ALA A 190 -27.93 11.85 12.42
N ARG A 191 -27.44 12.99 11.94
CA ARG A 191 -27.49 13.25 10.55
C ARG A 191 -26.20 12.76 9.87
N ASN A 192 -25.36 12.04 10.58
CA ASN A 192 -24.20 11.51 9.89
C ASN A 192 -24.50 10.17 9.18
N ASN A 193 -23.50 9.68 8.47
CA ASN A 193 -23.69 8.52 7.58
C ASN A 193 -24.19 7.35 8.34
N VAL A 194 -23.68 7.14 9.53
CA VAL A 194 -24.09 6.00 10.33
C VAL A 194 -25.49 6.17 10.86
N GLY A 195 -25.82 7.36 11.34
CA GLY A 195 -27.23 7.63 11.72
C GLY A 195 -28.23 7.45 10.58
N ASN A 196 -27.94 8.02 9.44
CA ASN A 196 -28.79 7.84 8.30
C ASN A 196 -28.97 6.36 7.92
N SER A 197 -27.88 5.60 7.90
CA SER A 197 -27.94 4.18 7.50
C SER A 197 -28.64 3.32 8.57
N LEU A 198 -28.47 3.68 9.83
CA LEU A 198 -29.20 2.98 10.93
C LEU A 198 -30.71 3.20 10.82
N MET A 199 -31.11 4.42 10.43
CA MET A 199 -32.51 4.72 10.25
C MET A 199 -33.08 3.94 9.03
N VAL A 200 -32.36 3.94 7.92
CA VAL A 200 -32.83 3.22 6.70
C VAL A 200 -32.92 1.74 7.02
N GLY A 201 -31.88 1.24 7.66
CA GLY A 201 -31.86 -0.14 8.13
C GLY A 201 -32.98 -0.57 9.09
N ALA A 202 -33.20 0.20 10.15
CA ALA A 202 -34.29 -0.04 11.07
C ALA A 202 -35.62 -0.14 10.33
N ALA A 203 -35.85 0.77 9.39
CA ALA A 203 -37.10 0.82 8.68
C ALA A 203 -37.27 -0.43 7.81
N LYS A 204 -36.24 -0.79 7.08
CA LYS A 204 -36.27 -1.96 6.24
C LYS A 204 -36.55 -3.23 7.01
N MET A 205 -35.97 -3.36 8.22
CA MET A 205 -36.03 -4.64 8.92
C MET A 205 -37.13 -4.66 9.97
N GLY A 206 -37.93 -3.60 9.99
CA GLY A 206 -39.06 -3.52 10.90
C GLY A 206 -38.69 -3.28 12.32
N MET A 207 -37.58 -2.56 12.53
CA MET A 207 -37.09 -2.34 13.94
C MET A 207 -37.66 -1.06 14.53
N ASP A 208 -37.49 -0.89 15.84
CA ASP A 208 -37.94 0.30 16.56
C ASP A 208 -36.66 1.05 16.89
N ILE A 209 -36.43 2.15 16.16
CA ILE A 209 -35.27 2.99 16.37
C ILE A 209 -35.67 4.35 16.94
N ARG A 210 -34.89 4.81 17.90
CA ARG A 210 -34.96 6.18 18.36
C ARG A 210 -33.67 6.91 18.04
N LEU A 211 -33.79 8.05 17.38
CA LEU A 211 -32.65 8.94 17.16
C LEU A 211 -32.68 10.07 18.17
N VAL A 212 -31.64 10.16 18.97
CA VAL A 212 -31.71 10.95 20.21
C VAL A 212 -30.50 11.86 20.19
N GLY A 213 -30.78 13.15 20.05
CA GLY A 213 -29.78 14.20 19.76
C GLY A 213 -30.47 15.55 19.53
N PRO A 214 -29.68 16.64 19.43
CA PRO A 214 -30.28 17.94 19.18
C PRO A 214 -30.93 18.00 17.83
N GLN A 215 -32.05 18.66 17.77
CA GLN A 215 -32.87 18.76 16.60
C GLN A 215 -32.13 19.24 15.34
N ALA A 216 -31.20 20.15 15.49
CA ALA A 216 -30.44 20.66 14.37
C ALA A 216 -29.63 19.54 13.70
N TYR A 217 -29.42 18.43 14.40
CA TYR A 217 -28.65 17.31 13.89
C TYR A 217 -29.48 16.08 13.61
N TRP A 218 -30.79 16.22 13.54
CA TRP A 218 -31.60 15.09 13.06
C TRP A 218 -31.36 14.88 11.54
N PRO A 219 -31.65 13.67 11.03
CA PRO A 219 -31.48 13.46 9.57
C PRO A 219 -32.41 14.36 8.70
N ASP A 220 -32.03 14.67 7.47
CA ASP A 220 -32.88 15.40 6.52
C ASP A 220 -34.31 14.94 6.55
N GLU A 221 -35.20 15.91 6.43
CA GLU A 221 -36.64 15.63 6.52
C GLU A 221 -37.06 14.68 5.36
N GLU A 222 -36.44 14.81 4.19
CA GLU A 222 -36.83 14.00 3.02
C GLU A 222 -36.47 12.54 3.26
N LEU A 223 -35.32 12.30 3.86
CA LEU A 223 -34.94 10.98 4.24
C LEU A 223 -35.79 10.39 5.36
N VAL A 224 -36.07 11.18 6.37
CA VAL A 224 -36.96 10.70 7.45
C VAL A 224 -38.32 10.25 6.90
N ALA A 225 -38.84 11.02 5.97
CA ALA A 225 -40.17 10.76 5.47
C ALA A 225 -40.14 9.47 4.62
N ALA A 226 -39.07 9.26 3.87
CA ALA A 226 -38.93 8.05 3.08
C ALA A 226 -38.82 6.85 4.00
N CYS A 227 -38.10 7.02 5.10
CA CYS A 227 -37.96 5.97 6.06
C CYS A 227 -39.22 5.70 6.81
N GLN A 228 -40.02 6.73 7.10
CA GLN A 228 -41.28 6.54 7.76
C GLN A 228 -42.20 5.69 6.87
N ALA A 229 -42.17 5.93 5.56
CA ALA A 229 -43.06 5.18 4.63
C ALA A 229 -42.63 3.71 4.52
N ILE A 230 -41.32 3.48 4.48
CA ILE A 230 -40.82 2.14 4.51
C ILE A 230 -41.24 1.42 5.78
N ALA A 231 -41.06 2.07 6.94
CA ALA A 231 -41.35 1.49 8.27
C ALA A 231 -42.75 1.11 8.48
N LYS A 232 -43.63 1.85 7.83
CA LYS A 232 -45.05 1.64 7.95
C LYS A 232 -45.43 0.31 7.32
N GLN A 233 -44.77 -0.08 6.25
CA GLN A 233 -45.15 -1.34 5.66
C GLN A 233 -44.39 -2.53 6.25
N THR A 234 -43.37 -2.28 7.08
CA THR A 234 -42.63 -3.38 7.74
C THR A 234 -42.99 -3.50 9.23
N GLY A 235 -43.80 -2.58 9.75
CA GLY A 235 -44.16 -2.61 11.18
C GLY A 235 -43.00 -2.10 12.03
N GLY A 236 -42.17 -1.28 11.42
CA GLY A 236 -41.09 -0.68 12.11
C GLY A 236 -41.55 0.60 12.76
N LYS A 237 -40.65 1.21 13.51
CA LYS A 237 -40.95 2.46 14.12
C LYS A 237 -39.73 3.35 14.24
N ILE A 238 -39.96 4.63 13.96
CA ILE A 238 -38.95 5.68 13.98
C ILE A 238 -39.40 6.84 14.83
N THR A 239 -38.59 7.19 15.81
CA THR A 239 -38.84 8.31 16.66
C THR A 239 -37.57 9.23 16.68
N LEU A 240 -37.78 10.54 16.61
CA LEU A 240 -36.73 11.55 16.78
C LEU A 240 -37.00 12.33 18.05
N THR A 241 -36.00 12.52 18.92
CA THR A 241 -36.25 13.33 20.11
C THR A 241 -34.98 13.91 20.68
N GLU A 242 -35.15 15.01 21.42
CA GLU A 242 -34.07 15.61 22.18
C GLU A 242 -34.01 15.03 23.56
N ASN A 243 -34.96 14.18 23.90
CA ASN A 243 -35.03 13.72 25.28
C ASN A 243 -34.40 12.36 25.47
N VAL A 244 -33.28 12.34 26.17
CA VAL A 244 -32.58 11.12 26.42
C VAL A 244 -33.38 10.03 27.14
N ALA A 245 -33.96 10.34 28.29
CA ALA A 245 -34.73 9.37 29.06
C ALA A 245 -35.77 8.71 28.18
N GLU A 246 -36.49 9.53 27.45
CA GLU A 246 -37.63 9.02 26.74
C GLU A 246 -37.13 8.28 25.48
N GLY A 247 -36.05 8.78 24.90
CA GLY A 247 -35.48 8.10 23.76
C GLY A 247 -34.93 6.71 24.02
N VAL A 248 -34.30 6.51 25.19
CA VAL A 248 -33.60 5.26 25.50
C VAL A 248 -34.36 4.23 26.31
N GLN A 249 -35.51 4.61 26.85
CA GLN A 249 -36.35 3.75 27.66
C GLN A 249 -36.68 2.45 26.93
N GLY A 250 -36.37 1.32 27.55
CA GLY A 250 -36.71 0.00 27.03
C GLY A 250 -35.75 -0.53 25.96
N CYS A 251 -34.67 0.19 25.67
CA CYS A 251 -33.78 -0.20 24.59
C CYS A 251 -32.92 -1.42 24.91
N ASP A 252 -32.79 -2.30 23.90
CA ASP A 252 -31.87 -3.44 23.92
C ASP A 252 -30.43 -3.01 23.67
N PHE A 253 -30.24 -2.05 22.78
CA PHE A 253 -28.92 -1.54 22.42
C PHE A 253 -28.92 -0.02 22.42
N LEU A 254 -27.80 0.53 22.85
CA LEU A 254 -27.49 1.94 22.70
C LEU A 254 -26.28 2.07 21.80
N TYR A 255 -26.34 3.03 20.87
CA TYR A 255 -25.32 3.20 19.83
C TYR A 255 -24.91 4.64 19.82
N THR A 256 -23.65 4.91 19.64
CA THR A 256 -23.22 6.28 19.39
C THR A 256 -22.03 6.34 18.48
N ASP A 257 -21.59 7.55 18.17
CA ASP A 257 -20.45 7.76 17.31
C ASP A 257 -19.83 9.16 17.57
N VAL A 258 -18.57 9.33 17.18
CA VAL A 258 -17.87 10.59 17.37
C VAL A 258 -18.75 11.75 16.82
N TRP A 259 -18.85 12.86 17.56
CA TRP A 259 -19.71 13.97 17.19
C TRP A 259 -19.33 14.79 15.92
N VAL A 260 -18.11 14.62 15.45
CA VAL A 260 -17.56 15.36 14.30
C VAL A 260 -17.06 14.30 13.24
N SER A 261 -17.47 14.46 11.99
CA SER A 261 -17.25 13.51 10.91
C SER A 261 -15.92 13.76 10.25
N MET A 262 -15.44 12.74 9.55
CA MET A 262 -14.18 12.84 8.78
C MET A 262 -14.21 13.95 7.70
N GLY A 263 -13.15 14.76 7.66
CA GLY A 263 -13.09 15.90 6.74
C GLY A 263 -13.77 17.20 7.19
N GLU A 264 -14.47 17.19 8.33
CA GLU A 264 -14.90 18.45 8.93
C GLU A 264 -13.66 19.08 9.52
N SER A 265 -13.64 20.39 9.56
CA SER A 265 -12.51 21.08 10.15
C SER A 265 -12.51 20.85 11.69
N PRO A 266 -11.31 20.83 12.31
CA PRO A 266 -11.12 20.89 13.78
C PRO A 266 -11.89 22.00 14.52
N GLU A 267 -12.25 23.08 13.82
CA GLU A 267 -13.10 24.14 14.38
C GLU A 267 -14.52 23.68 14.69
N ALA A 268 -15.01 22.65 13.99
CA ALA A 268 -16.34 22.11 14.29
C ALA A 268 -16.56 21.76 15.78
N TRP A 269 -15.50 21.23 16.46
CA TRP A 269 -15.59 20.82 17.86
C TRP A 269 -16.12 21.93 18.79
N ASP A 270 -15.69 23.13 18.45
CA ASP A 270 -15.74 24.25 19.43
C ASP A 270 -17.12 24.63 19.89
N GLU A 271 -18.04 24.74 18.95
CA GLU A 271 -19.42 24.96 19.23
C GLU A 271 -20.30 23.73 19.18
N ARG A 272 -19.73 22.55 18.96
CA ARG A 272 -20.50 21.31 18.99
C ARG A 272 -20.47 20.46 20.27
N VAL A 273 -19.40 20.56 21.04
CA VAL A 273 -19.28 19.73 22.24
C VAL A 273 -20.32 20.07 23.28
N ALA A 274 -20.44 21.35 23.61
CA ALA A 274 -21.40 21.76 24.63
C ALA A 274 -22.80 21.36 24.20
N LEU A 275 -23.13 21.61 22.97
CA LEU A 275 -24.43 21.18 22.45
C LEU A 275 -24.63 19.63 22.54
N MET A 276 -23.57 18.85 22.39
CA MET A 276 -23.76 17.38 22.26
C MET A 276 -23.62 16.71 23.59
N LYS A 277 -22.93 17.38 24.48
CA LYS A 277 -22.56 16.81 25.77
C LYS A 277 -23.71 16.08 26.51
N PRO A 278 -24.90 16.65 26.52
CA PRO A 278 -25.97 15.92 27.23
C PRO A 278 -26.33 14.57 26.60
N TYR A 279 -25.80 14.27 25.44
CA TYR A 279 -26.12 13.02 24.75
C TYR A 279 -24.97 12.05 24.84
N GLN A 280 -24.01 12.39 25.68
CA GLN A 280 -22.95 11.47 25.99
C GLN A 280 -23.50 10.14 26.47
N VAL A 281 -22.91 9.01 26.06
CA VAL A 281 -23.35 7.74 26.66
C VAL A 281 -22.51 7.45 27.90
N ASN A 282 -23.14 7.53 29.06
CA ASN A 282 -22.45 7.18 30.33
C ASN A 282 -23.37 6.19 31.09
N MET A 283 -22.96 5.75 32.27
CA MET A 283 -23.69 4.74 33.04
C MET A 283 -25.10 5.18 33.39
N ASN A 284 -25.27 6.46 33.65
CA ASN A 284 -26.60 6.96 33.89
C ASN A 284 -27.53 6.60 32.72
N VAL A 285 -27.05 6.82 31.50
CA VAL A 285 -27.89 6.64 30.37
C VAL A 285 -28.29 5.18 30.29
N LEU A 286 -27.34 4.28 30.55
CA LEU A 286 -27.62 2.85 30.53
C LEU A 286 -28.67 2.53 31.55
N LYS A 287 -28.54 3.14 32.71
CA LYS A 287 -29.54 3.02 33.75
C LYS A 287 -30.93 3.47 33.29
N GLN A 288 -31.00 4.58 32.55
CA GLN A 288 -32.34 5.10 32.15
C GLN A 288 -33.07 4.13 31.24
N THR A 289 -32.36 3.17 30.65
CA THR A 289 -33.05 2.22 29.77
C THR A 289 -34.00 1.36 30.58
N GLY A 290 -33.67 1.20 31.87
CA GLY A 290 -34.39 0.27 32.74
C GLY A 290 -34.08 -1.18 32.41
N ASN A 291 -33.10 -1.41 31.55
CA ASN A 291 -32.81 -2.76 31.05
C ASN A 291 -31.40 -3.24 31.50
N PRO A 292 -31.34 -4.14 32.49
CA PRO A 292 -30.07 -4.64 32.99
C PRO A 292 -29.25 -5.36 31.94
N ASN A 293 -29.89 -5.83 30.88
CA ASN A 293 -29.25 -6.50 29.76
C ASN A 293 -28.85 -5.62 28.56
N VAL A 294 -29.01 -4.30 28.72
CA VAL A 294 -28.71 -3.37 27.66
C VAL A 294 -27.27 -3.52 27.20
N LYS A 295 -27.04 -3.42 25.90
CA LYS A 295 -25.70 -3.47 25.35
C LYS A 295 -25.36 -2.19 24.64
N PHE A 296 -24.07 -1.93 24.62
CA PHE A 296 -23.55 -0.70 24.06
C PHE A 296 -22.75 -0.97 22.77
N MET A 297 -23.01 -0.14 21.77
CA MET A 297 -22.40 -0.26 20.43
C MET A 297 -21.84 1.08 19.98
N HIS A 298 -20.84 0.99 19.11
CA HIS A 298 -20.15 2.11 18.58
C HIS A 298 -19.44 1.64 17.34
N CYS A 299 -19.54 2.42 16.26
CA CYS A 299 -18.89 2.00 14.99
C CYS A 299 -17.37 2.05 15.00
N LEU A 300 -16.81 2.90 15.86
CA LEU A 300 -15.41 3.10 16.06
C LEU A 300 -14.83 3.90 14.90
N PRO A 301 -13.71 4.58 15.10
CA PRO A 301 -13.03 4.77 16.36
C PRO A 301 -13.79 5.65 17.31
N ALA A 302 -13.45 5.54 18.61
CA ALA A 302 -14.13 6.23 19.64
C ALA A 302 -13.19 7.04 20.49
N PHE A 303 -13.72 8.15 21.01
CA PHE A 303 -13.01 9.05 21.93
C PHE A 303 -13.60 8.86 23.35
N HIS A 304 -12.99 7.97 24.11
CA HIS A 304 -13.52 7.55 25.33
C HIS A 304 -12.53 7.76 26.47
N ASN A 305 -11.34 8.28 26.19
CA ASN A 305 -10.36 8.63 27.26
C ASN A 305 -9.29 9.59 26.70
N ASP A 306 -8.12 9.67 27.35
CA ASP A 306 -7.09 10.58 26.94
C ASP A 306 -5.97 9.94 26.16
N GLU A 307 -6.18 8.75 25.57
CA GLU A 307 -5.11 8.01 24.91
C GLU A 307 -5.04 8.27 23.41
N THR A 308 -5.72 9.32 22.93
CA THR A 308 -5.46 9.88 21.59
C THR A 308 -5.17 11.36 21.72
N THR A 309 -4.37 11.90 20.82
CA THR A 309 -4.04 13.33 20.87
C THR A 309 -5.29 14.14 20.63
N ILE A 310 -6.14 13.75 19.67
CA ILE A 310 -7.32 14.50 19.40
C ILE A 310 -8.35 14.42 20.54
N GLY A 311 -8.63 13.23 21.05
CA GLY A 311 -9.62 13.06 22.09
C GLY A 311 -9.20 13.73 23.39
N LYS A 312 -7.89 13.71 23.69
CA LYS A 312 -7.38 14.37 24.89
C LYS A 312 -7.49 15.87 24.79
N GLN A 313 -7.05 16.43 23.68
CA GLN A 313 -7.14 17.88 23.47
C GLN A 313 -8.61 18.37 23.53
N VAL A 314 -9.51 17.73 22.79
CA VAL A 314 -10.91 18.20 22.79
C VAL A 314 -11.59 18.06 24.15
N ALA A 315 -11.44 16.91 24.78
CA ALA A 315 -11.99 16.70 26.11
C ALA A 315 -11.39 17.70 27.10
N ASP A 316 -10.12 17.95 27.01
CA ASP A 316 -9.44 18.85 27.94
C ASP A 316 -9.98 20.27 27.86
N LYS A 317 -10.16 20.75 26.63
CA LYS A 317 -10.80 22.06 26.32
C LYS A 317 -12.14 22.34 27.05
N PHE A 318 -12.90 21.29 27.34
CA PHE A 318 -14.18 21.36 28.07
C PHE A 318 -14.11 20.60 29.40
N GLY A 319 -12.89 20.29 29.86
CA GLY A 319 -12.69 19.63 31.14
C GLY A 319 -13.34 18.26 31.29
N MET A 320 -13.44 17.51 30.20
CA MET A 320 -14.13 16.21 30.18
C MET A 320 -13.13 15.04 30.24
N LYS A 321 -13.64 13.85 30.56
CA LYS A 321 -12.90 12.57 30.40
C LYS A 321 -13.69 11.58 29.45
N GLY A 322 -13.38 11.60 28.17
CA GLY A 322 -14.21 10.89 27.20
C GLY A 322 -15.24 11.86 26.65
N LEU A 323 -15.63 11.66 25.39
CA LEU A 323 -16.60 12.57 24.74
C LEU A 323 -17.92 11.85 24.58
N GLU A 324 -18.15 11.21 23.41
CA GLU A 324 -19.45 10.66 23.13
C GLU A 324 -19.80 9.45 24.03
N VAL A 325 -18.78 8.75 24.56
CA VAL A 325 -18.98 7.64 25.49
C VAL A 325 -17.88 7.69 26.53
N THR A 326 -18.15 7.20 27.75
CA THR A 326 -17.14 7.22 28.83
C THR A 326 -16.38 5.92 28.81
N GLU A 327 -15.22 5.94 29.43
CA GLU A 327 -14.33 4.79 29.53
C GLU A 327 -15.04 3.65 30.25
N GLU A 328 -15.71 3.98 31.33
CA GLU A 328 -16.46 3.02 32.11
C GLU A 328 -17.47 2.28 31.22
N VAL A 329 -18.23 3.00 30.40
CA VAL A 329 -19.22 2.30 29.56
C VAL A 329 -18.49 1.50 28.47
N PHE A 330 -17.48 2.11 27.86
CA PHE A 330 -16.76 1.51 26.75
C PHE A 330 -16.11 0.18 27.10
N GLU A 331 -15.53 0.10 28.31
CA GLU A 331 -14.85 -1.10 28.80
C GLU A 331 -15.73 -2.03 29.64
N SER A 332 -17.00 -1.72 29.80
CA SER A 332 -17.88 -2.55 30.66
C SER A 332 -18.34 -3.81 29.94
N GLU A 333 -18.94 -4.68 30.72
CA GLU A 333 -19.51 -5.93 30.20
C GLU A 333 -20.66 -5.66 29.28
N HIS A 334 -21.24 -4.48 29.35
CA HIS A 334 -22.29 -4.12 28.39
C HIS A 334 -21.77 -3.85 27.00
N SER A 335 -20.49 -3.54 26.87
CA SER A 335 -19.93 -3.08 25.57
C SER A 335 -19.66 -4.28 24.68
N ILE A 336 -20.14 -4.24 23.44
CA ILE A 336 -19.88 -5.31 22.45
C ILE A 336 -19.17 -4.75 21.19
N VAL A 337 -18.50 -3.60 21.36
CA VAL A 337 -17.87 -2.93 20.26
C VAL A 337 -16.82 -3.78 19.51
N PHE A 338 -16.15 -4.74 20.16
CA PHE A 338 -15.11 -5.48 19.46
C PHE A 338 -15.67 -6.66 18.67
N ASP A 339 -16.81 -7.18 19.15
CA ASP A 339 -17.59 -8.16 18.37
C ASP A 339 -18.15 -7.49 17.16
N GLU A 340 -18.65 -6.28 17.36
CA GLU A 340 -19.19 -5.47 16.29
C GLU A 340 -18.12 -5.23 15.23
N ALA A 341 -16.89 -4.94 15.67
CA ALA A 341 -15.80 -4.62 14.74
C ALA A 341 -15.41 -5.85 13.94
N GLU A 342 -15.35 -7.01 14.60
CA GLU A 342 -14.99 -8.22 13.91
C GLU A 342 -16.03 -8.51 12.83
N ASN A 343 -17.29 -8.20 13.13
CA ASN A 343 -18.38 -8.45 12.20
C ASN A 343 -18.36 -7.60 10.92
N ARG A 344 -17.59 -6.51 10.90
CA ARG A 344 -17.33 -5.78 9.66
C ARG A 344 -16.75 -6.67 8.59
N MET A 345 -15.85 -7.57 8.97
CA MET A 345 -15.23 -8.42 8.01
C MET A 345 -16.17 -9.47 7.45
N HIS A 346 -16.88 -10.15 8.34
CA HIS A 346 -17.81 -11.21 7.90
C HIS A 346 -18.94 -10.68 6.99
N THR A 347 -19.48 -9.51 7.29
CA THR A 347 -20.53 -8.90 6.49
C THR A 347 -20.03 -8.34 5.18
N ILE A 348 -18.86 -7.73 5.18
CA ILE A 348 -18.23 -7.31 3.90
C ILE A 348 -17.92 -8.48 2.99
N LYS A 349 -17.52 -9.57 3.59
CA LYS A 349 -17.33 -10.79 2.86
C LYS A 349 -18.61 -11.27 2.20
N ALA A 350 -19.74 -11.21 2.93
CA ALA A 350 -21.06 -11.58 2.35
C ALA A 350 -21.45 -10.73 1.16
N VAL A 351 -21.20 -9.44 1.29
CA VAL A 351 -21.45 -8.56 0.17
C VAL A 351 -20.67 -8.97 -1.05
N MET A 352 -19.38 -9.21 -0.91
CA MET A 352 -18.58 -9.56 -2.07
C MET A 352 -18.94 -10.92 -2.66
N VAL A 353 -19.15 -11.89 -1.79
CA VAL A 353 -19.50 -13.21 -2.20
C VAL A 353 -20.87 -13.24 -2.94
N ALA A 354 -21.87 -12.53 -2.41
CA ALA A 354 -23.17 -12.52 -3.06
C ALA A 354 -23.13 -11.86 -4.42
N THR A 355 -22.42 -10.73 -4.52
CA THR A 355 -22.46 -9.93 -5.72
C THR A 355 -21.49 -10.39 -6.76
N LEU A 356 -20.37 -10.96 -6.35
CA LEU A 356 -19.31 -11.30 -7.30
C LEU A 356 -18.93 -12.79 -7.29
N GLY A 357 -19.40 -13.52 -6.30
CA GLY A 357 -18.94 -14.84 -6.03
C GLY A 357 -19.43 -15.77 -7.12
N SER A 358 -18.50 -16.54 -7.64
CA SER A 358 -18.77 -17.56 -8.62
C SER A 358 -18.84 -18.76 -7.72
N TYR B 19 19.84 -36.18 15.44
CA TYR B 19 19.33 -35.20 16.45
C TYR B 19 19.39 -35.78 17.88
N PHE B 20 20.10 -35.02 18.70
CA PHE B 20 19.96 -35.04 20.12
C PHE B 20 19.50 -33.61 20.45
N GLN B 21 18.78 -32.98 19.53
CA GLN B 21 18.41 -31.56 19.64
C GLN B 21 17.10 -31.38 20.41
N SER B 22 17.13 -30.55 21.45
CA SER B 22 15.98 -30.32 22.32
C SER B 22 14.79 -29.63 21.57
N ASN B 23 13.61 -30.25 21.61
CA ASN B 23 12.35 -29.68 21.09
C ASN B 23 11.76 -28.60 21.94
N ALA B 24 12.37 -28.33 23.10
CA ALA B 24 11.78 -27.39 24.05
C ALA B 24 11.56 -26.04 23.44
N MET B 25 12.56 -25.56 22.68
CA MET B 25 12.51 -24.18 22.23
C MET B 25 11.38 -24.01 21.25
N ALA B 26 11.19 -24.96 20.34
CA ALA B 26 10.09 -24.78 19.34
C ALA B 26 8.77 -24.68 20.08
N PHE B 27 8.54 -25.58 21.05
CA PHE B 27 7.29 -25.54 21.79
C PHE B 27 7.08 -24.18 22.47
N ASN B 28 8.14 -23.71 23.09
CA ASN B 28 8.07 -22.51 23.91
C ASN B 28 7.91 -21.22 23.11
N LEU B 29 8.18 -21.27 21.82
CA LEU B 29 8.12 -20.06 21.00
C LEU B 29 6.75 -19.87 20.36
N ARG B 30 5.97 -20.93 20.23
CA ARG B 30 4.63 -20.85 19.67
C ARG B 30 3.79 -19.76 20.34
N ASN B 31 3.18 -18.90 19.55
CA ASN B 31 2.33 -17.81 20.05
C ASN B 31 2.95 -16.74 20.89
N ARG B 32 4.26 -16.69 20.93
CA ARG B 32 4.93 -15.61 21.62
C ARG B 32 4.91 -14.40 20.73
N ASN B 33 5.00 -13.24 21.37
CA ASN B 33 5.38 -12.01 20.73
C ASN B 33 6.89 -11.99 20.48
N PHE B 34 7.36 -11.11 19.58
CA PHE B 34 8.81 -10.90 19.43
C PHE B 34 9.11 -9.43 19.53
N LEU B 35 9.17 -8.94 20.76
CA LEU B 35 9.21 -7.51 21.05
C LEU B 35 10.57 -6.95 21.41
N LYS B 36 11.44 -7.78 21.95
CA LYS B 36 12.83 -7.41 22.27
C LYS B 36 13.60 -8.67 22.66
N LEU B 37 14.90 -8.66 22.44
CA LEU B 37 15.74 -9.81 22.77
C LEU B 37 15.81 -10.14 24.27
N LEU B 38 15.55 -9.15 25.13
CA LEU B 38 15.51 -9.39 26.58
C LEU B 38 14.45 -10.41 26.95
N ASP B 39 13.44 -10.59 26.11
CA ASP B 39 12.36 -11.51 26.44
C ASP B 39 12.71 -12.97 26.18
N PHE B 40 13.89 -13.26 25.63
CA PHE B 40 14.21 -14.58 25.15
C PHE B 40 15.49 -15.09 25.76
N SER B 41 15.58 -16.40 25.85
CA SER B 41 16.76 -17.08 26.38
C SER B 41 17.79 -17.26 25.27
N THR B 42 19.01 -17.50 25.68
CA THR B 42 20.12 -17.78 24.78
C THR B 42 19.74 -18.84 23.79
N LYS B 43 19.15 -19.91 24.29
CA LYS B 43 18.79 -21.01 23.42
C LYS B 43 17.62 -20.74 22.50
N GLU B 44 16.67 -19.91 22.93
CA GLU B 44 15.61 -19.47 22.01
C GLU B 44 16.14 -18.62 20.85
N ILE B 45 17.06 -17.74 21.15
CA ILE B 45 17.70 -16.94 20.10
C ILE B 45 18.52 -17.81 19.10
N GLN B 46 19.25 -18.76 19.63
CA GLN B 46 20.05 -19.64 18.81
C GLN B 46 19.12 -20.49 17.94
N PHE B 47 18.00 -20.92 18.52
CA PHE B 47 17.03 -21.67 17.73
C PHE B 47 16.52 -20.81 16.55
N LEU B 48 16.23 -19.53 16.81
CA LEU B 48 15.69 -18.68 15.75
C LEU B 48 16.68 -18.54 14.65
N ILE B 49 17.94 -18.40 15.03
CA ILE B 49 19.03 -18.30 14.05
C ILE B 49 19.20 -19.56 13.21
N ASP B 50 19.21 -20.70 13.88
CA ASP B 50 19.28 -22.00 13.20
C ASP B 50 18.10 -22.19 12.25
N LEU B 51 16.91 -21.86 12.72
CA LEU B 51 15.74 -21.96 11.89
C LEU B 51 15.85 -21.04 10.63
N SER B 52 16.39 -19.84 10.81
CA SER B 52 16.67 -18.93 9.68
C SER B 52 17.57 -19.54 8.61
N ALA B 53 18.65 -20.17 9.06
CA ALA B 53 19.58 -20.85 8.17
C ALA B 53 18.88 -21.98 7.42
N ASP B 54 18.04 -22.74 8.10
CA ASP B 54 17.29 -23.81 7.44
C ASP B 54 16.28 -23.28 6.41
N LEU B 55 15.64 -22.14 6.69
CA LEU B 55 14.64 -21.59 5.76
C LEU B 55 15.36 -21.01 4.57
N LYS B 56 16.53 -20.44 4.82
CA LYS B 56 17.34 -19.87 3.76
C LYS B 56 17.77 -20.97 2.74
N LYS B 57 18.29 -22.06 3.28
CA LYS B 57 18.71 -23.19 2.48
C LYS B 57 17.52 -23.79 1.69
N ALA B 58 16.38 -23.97 2.37
CA ALA B 58 15.20 -24.53 1.68
C ALA B 58 14.77 -23.62 0.54
N LYS B 59 14.72 -22.33 0.78
CA LYS B 59 14.37 -21.40 -0.27
C LYS B 59 15.31 -21.49 -1.46
N TYR B 60 16.62 -21.42 -1.23
CA TYR B 60 17.65 -21.57 -2.30
C TYR B 60 17.51 -22.88 -3.10
N ALA B 61 17.05 -23.95 -2.46
CA ALA B 61 16.90 -25.24 -3.12
C ALA B 61 15.52 -25.42 -3.78
N GLY B 62 14.61 -24.45 -3.62
CA GLY B 62 13.26 -24.56 -4.18
C GLY B 62 12.42 -25.59 -3.43
N THR B 63 12.75 -25.79 -2.16
CA THR B 63 12.22 -26.89 -1.33
C THR B 63 11.34 -26.40 -0.16
N GLU B 64 11.08 -25.10 -0.12
CA GLU B 64 10.48 -24.47 1.06
C GLU B 64 9.09 -25.05 1.37
N GLN B 65 8.77 -25.35 2.61
CA GLN B 65 7.41 -25.75 2.97
C GLN B 65 6.66 -24.63 3.63
N LYS B 66 5.47 -24.36 3.14
CA LYS B 66 4.67 -23.24 3.66
C LYS B 66 4.00 -23.53 4.99
N LYS B 67 4.43 -22.83 6.05
CA LYS B 67 3.85 -22.99 7.35
C LYS B 67 2.84 -21.91 7.70
N LEU B 68 2.65 -20.90 6.87
CA LEU B 68 1.69 -19.80 7.18
C LEU B 68 0.54 -19.71 6.20
N LEU B 69 0.20 -20.85 5.62
CA LEU B 69 -0.84 -20.92 4.60
C LEU B 69 -2.18 -20.51 5.19
N GLY B 70 -2.87 -19.59 4.54
CA GLY B 70 -4.17 -19.04 5.01
C GLY B 70 -4.08 -17.99 6.12
N LYS B 71 -2.87 -17.61 6.50
CA LYS B 71 -2.67 -16.64 7.59
C LYS B 71 -2.63 -15.28 6.90
N ASN B 72 -3.22 -14.31 7.61
CA ASN B 72 -3.26 -12.93 7.24
C ASN B 72 -2.53 -12.12 8.27
N ILE B 73 -1.66 -11.24 7.82
CA ILE B 73 -0.80 -10.44 8.71
C ILE B 73 -0.92 -8.95 8.37
N ALA B 74 -1.02 -8.12 9.40
CA ALA B 74 -1.00 -6.69 9.31
C ALA B 74 0.38 -6.13 9.60
N LEU B 75 0.83 -5.19 8.75
CA LEU B 75 2.12 -4.58 8.93
C LEU B 75 1.97 -3.10 9.15
N ILE B 76 2.11 -2.69 10.40
CA ILE B 76 1.92 -1.34 10.80
C ILE B 76 3.25 -0.62 10.83
N PHE B 77 3.38 0.40 10.00
CA PHE B 77 4.60 1.22 9.95
C PHE B 77 4.30 2.66 10.26
N GLU B 78 4.56 3.09 11.48
CA GLU B 78 4.42 4.51 11.79
C GLU B 78 5.58 5.37 11.32
N LYS B 79 6.68 4.75 10.94
CA LYS B 79 7.86 5.39 10.32
C LYS B 79 8.17 4.58 9.06
N ALA B 80 8.99 5.18 8.20
CA ALA B 80 9.54 4.62 6.98
C ALA B 80 10.36 3.33 7.09
N SER B 81 10.31 2.52 6.02
CA SER B 81 11.10 1.28 5.87
C SER B 81 11.31 0.73 4.44
N THR B 82 12.49 0.21 4.16
CA THR B 82 12.69 -0.43 2.91
C THR B 82 12.85 -1.87 3.34
N ARG B 83 13.99 -2.17 3.98
CA ARG B 83 14.36 -3.49 4.33
C ARG B 83 13.26 -4.14 5.15
N THR B 84 12.79 -3.47 6.20
CA THR B 84 12.04 -4.21 7.22
C THR B 84 10.69 -4.57 6.60
N ARG B 85 10.10 -3.63 5.91
CA ARG B 85 8.80 -3.85 5.27
C ARG B 85 8.90 -4.94 4.21
N CYS B 86 9.86 -4.79 3.32
CA CYS B 86 10.09 -5.78 2.28
C CYS B 86 10.38 -7.15 2.83
N ALA B 87 11.17 -7.21 3.90
CA ALA B 87 11.51 -8.49 4.52
C ALA B 87 10.30 -9.21 5.10
N PHE B 88 9.43 -8.46 5.76
CA PHE B 88 8.16 -9.01 6.25
C PHE B 88 7.27 -9.44 5.09
N GLU B 89 7.18 -8.64 4.05
CA GLU B 89 6.28 -9.01 2.96
C GLU B 89 6.79 -10.29 2.27
N VAL B 90 8.08 -10.31 1.92
CA VAL B 90 8.61 -11.42 1.09
C VAL B 90 8.57 -12.71 1.94
N ALA B 91 8.91 -12.58 3.22
CA ALA B 91 8.83 -13.72 4.13
C ALA B 91 7.42 -14.27 4.21
N ALA B 92 6.45 -13.37 4.31
CA ALA B 92 5.07 -13.82 4.37
C ALA B 92 4.64 -14.50 3.09
N PHE B 93 4.99 -13.91 1.95
CA PHE B 93 4.56 -14.45 0.70
C PHE B 93 5.16 -15.87 0.44
N ASP B 94 6.45 -16.00 0.68
CA ASP B 94 7.14 -17.26 0.57
C ASP B 94 6.42 -18.32 1.44
N GLN B 95 5.90 -17.88 2.60
CA GLN B 95 5.32 -18.82 3.49
C GLN B 95 3.84 -19.03 3.34
N GLY B 96 3.25 -18.44 2.31
CA GLY B 96 1.84 -18.63 1.99
C GLY B 96 0.88 -17.67 2.68
N ALA B 97 1.39 -16.70 3.41
CA ALA B 97 0.55 -15.70 4.05
C ALA B 97 0.21 -14.55 3.14
N GLN B 98 -0.81 -13.78 3.51
CA GLN B 98 -1.14 -12.51 2.85
C GLN B 98 -0.97 -11.36 3.85
N VAL B 99 -0.65 -10.17 3.34
CA VAL B 99 -0.33 -9.05 4.19
C VAL B 99 -1.13 -7.79 3.77
N THR B 100 -1.42 -6.96 4.78
CA THR B 100 -1.94 -5.62 4.61
C THR B 100 -0.88 -4.66 5.16
N TYR B 101 -0.33 -3.81 4.29
CA TYR B 101 0.65 -2.81 4.70
C TYR B 101 -0.06 -1.52 5.05
N ILE B 102 0.07 -1.06 6.30
CA ILE B 102 -0.51 0.22 6.79
C ILE B 102 0.65 1.19 7.09
N GLY B 103 0.88 2.13 6.19
CA GLY B 103 2.03 3.02 6.26
C GLY B 103 1.77 4.27 7.14
N PRO B 104 2.72 5.20 7.16
CA PRO B 104 2.64 6.34 8.08
C PRO B 104 1.42 7.19 7.97
N SER B 105 0.95 7.46 6.77
CA SER B 105 -0.28 8.25 6.65
C SER B 105 -1.56 7.44 6.72
N GLY B 106 -1.43 6.11 6.79
CA GLY B 106 -2.53 5.24 7.16
C GLY B 106 -2.85 4.95 8.64
N SER B 107 -1.86 5.00 9.54
CA SER B 107 -2.11 4.63 10.96
C SER B 107 -2.90 5.79 11.59
N GLN B 108 -3.97 5.41 12.30
CA GLN B 108 -4.80 6.39 13.00
C GLN B 108 -4.28 6.52 14.43
N ILE B 109 -3.21 5.77 14.76
CA ILE B 109 -2.97 5.33 16.15
C ILE B 109 -2.42 6.40 17.07
N GLY B 110 -3.07 6.61 18.20
CA GLY B 110 -2.71 7.68 19.11
C GLY B 110 -3.23 9.02 18.61
N ASP B 111 -3.84 9.11 17.42
CA ASP B 111 -4.46 10.40 16.96
C ASP B 111 -5.97 10.37 17.07
N LYS B 112 -6.57 9.41 16.37
CA LYS B 112 -8.00 9.17 16.40
C LYS B 112 -8.44 7.90 17.15
N GLU B 113 -7.54 6.96 17.35
CA GLU B 113 -7.88 5.71 18.00
C GLU B 113 -6.75 5.22 18.88
N SER B 114 -7.04 4.79 20.07
CA SER B 114 -5.96 4.38 21.00
C SER B 114 -5.32 3.14 20.51
N MET B 115 -4.12 2.87 21.02
CA MET B 115 -3.47 1.62 20.66
C MET B 115 -4.24 0.42 21.22
N LYS B 116 -4.79 0.58 22.41
CA LYS B 116 -5.54 -0.54 23.01
C LYS B 116 -6.68 -0.97 22.09
N ASP B 117 -7.40 0.01 21.56
CA ASP B 117 -8.52 -0.26 20.67
C ASP B 117 -8.07 -0.85 19.39
N THR B 118 -7.03 -0.30 18.84
CA THR B 118 -6.52 -0.74 17.55
C THR B 118 -6.09 -2.18 17.63
N ALA B 119 -5.37 -2.47 18.68
CA ALA B 119 -4.85 -3.83 18.92
C ALA B 119 -5.96 -4.81 18.98
N ARG B 120 -7.05 -4.47 19.69
CA ARG B 120 -8.19 -5.40 19.83
C ARG B 120 -8.95 -5.61 18.49
N VAL B 121 -9.02 -4.56 17.67
CA VAL B 121 -9.63 -4.64 16.34
C VAL B 121 -8.78 -5.46 15.38
N LEU B 122 -7.51 -5.14 15.30
CA LEU B 122 -6.62 -5.91 14.42
C LEU B 122 -6.51 -7.38 14.82
N GLY B 123 -6.51 -7.65 16.12
CA GLY B 123 -6.48 -8.99 16.66
C GLY B 123 -7.62 -9.85 16.26
N ARG B 124 -8.80 -9.25 16.09
CA ARG B 124 -9.97 -9.99 15.60
C ARG B 124 -9.91 -10.33 14.10
N MET B 125 -9.23 -9.50 13.30
CA MET B 125 -9.15 -9.73 11.86
C MET B 125 -7.91 -10.42 11.38
N TYR B 126 -6.76 -10.24 12.04
CA TYR B 126 -5.48 -10.78 11.60
C TYR B 126 -4.98 -11.90 12.53
N ASP B 127 -4.05 -12.71 12.01
CA ASP B 127 -3.42 -13.82 12.72
C ASP B 127 -2.09 -13.41 13.31
N GLY B 128 -1.57 -12.26 12.88
CA GLY B 128 -0.29 -11.76 13.38
C GLY B 128 -0.09 -10.30 12.95
N ILE B 129 0.71 -9.56 13.71
CA ILE B 129 0.85 -8.14 13.52
C ILE B 129 2.26 -7.68 13.74
N GLN B 130 2.83 -6.99 12.75
CA GLN B 130 4.13 -6.31 12.92
C GLN B 130 3.90 -4.85 13.24
N TYR B 131 4.71 -4.30 14.09
CA TYR B 131 4.69 -2.87 14.38
C TYR B 131 6.08 -2.25 14.36
N ARG B 132 6.23 -1.17 13.63
CA ARG B 132 7.42 -0.32 13.68
C ARG B 132 6.95 1.04 14.03
N GLY B 133 7.59 1.65 15.01
CA GLY B 133 7.10 2.92 15.50
C GLY B 133 8.02 3.58 16.49
N PHE B 134 7.42 4.10 17.54
CA PHE B 134 8.11 5.05 18.45
C PHE B 134 8.53 4.29 19.70
N GLY B 135 7.89 4.55 20.83
CA GLY B 135 8.35 4.00 22.09
C GLY B 135 8.03 2.51 22.24
N GLN B 136 8.98 1.81 22.87
CA GLN B 136 8.80 0.42 23.26
C GLN B 136 7.47 0.21 23.98
N ALA B 137 7.05 1.18 24.76
CA ALA B 137 5.80 1.01 25.53
C ALA B 137 4.58 0.80 24.63
N ILE B 138 4.59 1.43 23.48
CA ILE B 138 3.49 1.25 22.51
C ILE B 138 3.39 -0.19 21.96
N VAL B 139 4.53 -0.73 21.57
CA VAL B 139 4.56 -2.06 21.00
C VAL B 139 4.27 -3.08 22.10
N GLU B 140 4.64 -2.78 23.35
CA GLU B 140 4.32 -3.64 24.49
C GLU B 140 2.83 -3.68 24.78
N GLU B 141 2.19 -2.53 24.65
CA GLU B 141 0.74 -2.46 24.80
C GLU B 141 0.01 -3.23 23.65
N LEU B 142 0.44 -3.00 22.44
CA LEU B 142 -0.06 -3.76 21.30
C LEU B 142 0.09 -5.27 21.58
N GLY B 143 1.25 -5.67 22.05
CA GLY B 143 1.54 -7.08 22.32
C GLY B 143 0.75 -7.64 23.49
N ALA B 144 0.40 -6.81 24.44
CA ALA B 144 -0.44 -7.23 25.53
C ALA B 144 -1.89 -7.34 25.11
N PHE B 145 -2.38 -6.53 24.18
CA PHE B 145 -3.80 -6.49 23.91
C PHE B 145 -4.25 -7.16 22.62
N ALA B 146 -3.37 -7.46 21.68
CA ALA B 146 -3.86 -7.94 20.39
C ALA B 146 -4.45 -9.35 20.41
N GLY B 147 -3.95 -10.18 21.29
CA GLY B 147 -4.38 -11.59 21.37
C GLY B 147 -3.80 -12.46 20.25
N VAL B 148 -2.85 -11.92 19.48
CA VAL B 148 -2.12 -12.66 18.50
C VAL B 148 -0.64 -12.24 18.59
N PRO B 149 0.26 -13.02 18.02
CA PRO B 149 1.67 -12.61 17.99
C PRO B 149 1.93 -11.27 17.35
N VAL B 150 2.65 -10.45 18.08
CA VAL B 150 3.03 -9.12 17.65
C VAL B 150 4.55 -9.06 17.58
N TRP B 151 5.06 -8.51 16.49
CA TRP B 151 6.50 -8.50 16.23
C TRP B 151 7.00 -7.07 16.05
N ASN B 152 8.07 -6.74 16.76
CA ASN B 152 8.67 -5.40 16.76
C ASN B 152 9.66 -5.27 15.60
N GLY B 153 9.25 -4.47 14.61
CA GLY B 153 10.11 -4.21 13.51
C GLY B 153 10.97 -2.95 13.62
N LEU B 154 10.96 -2.33 14.80
CA LEU B 154 11.86 -1.26 15.25
C LEU B 154 11.06 -0.31 16.14
N THR B 155 11.63 0.01 17.30
CA THR B 155 11.13 1.08 18.15
C THR B 155 12.32 1.98 18.46
N ASP B 156 12.07 3.05 19.20
CA ASP B 156 13.14 3.95 19.61
C ASP B 156 14.26 3.25 20.36
N GLU B 157 13.89 2.27 21.20
CA GLU B 157 14.80 1.58 22.12
C GLU B 157 15.46 0.34 21.55
N PHE B 158 14.74 -0.47 20.75
CA PHE B 158 15.20 -1.74 20.29
C PHE B 158 14.87 -2.07 18.83
N HIS B 159 15.67 -2.94 18.24
CA HIS B 159 15.52 -3.39 16.87
C HIS B 159 15.93 -4.84 16.80
N PRO B 160 15.15 -5.71 17.39
CA PRO B 160 15.54 -7.09 17.55
C PRO B 160 15.73 -7.92 16.25
N THR B 161 14.90 -7.70 15.26
CA THR B 161 14.99 -8.49 14.01
C THR B 161 16.29 -8.16 13.31
N GLN B 162 16.72 -6.89 13.34
CA GLN B 162 18.02 -6.55 12.76
C GLN B 162 19.18 -7.40 13.36
N ILE B 163 19.18 -7.58 14.66
CA ILE B 163 20.30 -8.25 15.31
C ILE B 163 20.29 -9.73 15.01
N LEU B 164 19.09 -10.34 14.90
CA LEU B 164 19.06 -11.73 14.40
C LEU B 164 19.77 -11.88 13.08
N ALA B 165 19.52 -10.93 12.20
CA ALA B 165 20.08 -11.00 10.89
C ALA B 165 21.57 -10.86 11.00
N ASP B 166 21.98 -9.95 11.87
CA ASP B 166 23.40 -9.68 12.04
C ASP B 166 24.12 -10.94 12.54
N PHE B 167 23.52 -11.64 13.49
CA PHE B 167 24.14 -12.78 14.06
C PHE B 167 24.21 -13.93 13.05
N LEU B 168 23.17 -14.17 12.27
CA LEU B 168 23.25 -15.17 11.20
C LEU B 168 24.35 -14.84 10.23
N THR B 169 24.50 -13.57 9.93
CA THR B 169 25.51 -13.11 9.00
C THR B 169 26.90 -13.33 9.56
N MET B 170 27.10 -13.00 10.83
CA MET B 170 28.40 -13.29 11.46
C MET B 170 28.75 -14.76 11.43
N LEU B 171 27.80 -15.62 11.80
CA LEU B 171 28.07 -17.08 11.75
C LEU B 171 28.46 -17.54 10.37
N GLU B 172 27.75 -17.09 9.35
CA GLU B 172 28.06 -17.54 8.01
C GLU B 172 29.42 -17.07 7.61
N HIS B 173 29.87 -15.94 8.12
CA HIS B 173 31.12 -15.38 7.64
C HIS B 173 32.28 -15.65 8.60
N SER B 174 32.11 -16.64 9.47
CA SER B 174 33.09 -16.94 10.52
C SER B 174 33.65 -18.35 10.44
N GLN B 175 33.52 -19.03 9.31
CA GLN B 175 34.25 -20.33 9.07
C GLN B 175 34.23 -21.22 10.35
N GLY B 176 33.04 -21.70 10.71
CA GLY B 176 32.89 -22.68 11.80
C GLY B 176 32.81 -22.16 13.25
N LYS B 177 33.25 -20.92 13.50
CA LYS B 177 33.16 -20.32 14.85
C LYS B 177 31.72 -20.07 15.32
N ALA B 178 31.49 -20.32 16.61
CA ALA B 178 30.20 -20.01 17.23
C ALA B 178 30.21 -18.59 17.72
N LEU B 179 29.01 -18.10 18.03
CA LEU B 179 28.81 -16.71 18.45
C LEU B 179 29.58 -16.38 19.70
N ALA B 180 29.57 -17.30 20.65
CA ALA B 180 30.36 -17.12 21.89
C ALA B 180 31.85 -16.82 21.65
N ASP B 181 32.35 -17.20 20.48
CA ASP B 181 33.79 -17.12 20.17
C ASP B 181 34.10 -15.81 19.39
N ILE B 182 33.07 -15.10 18.97
CA ILE B 182 33.26 -13.93 18.13
C ILE B 182 33.41 -12.61 18.91
N GLN B 183 34.22 -11.71 18.37
CA GLN B 183 34.46 -10.38 18.96
C GLN B 183 34.14 -9.34 17.94
N PHE B 184 33.46 -8.28 18.34
CA PHE B 184 33.11 -7.25 17.41
C PHE B 184 32.98 -5.90 18.08
N ALA B 185 33.14 -4.85 17.27
CA ALA B 185 33.02 -3.49 17.74
C ALA B 185 31.94 -2.75 16.98
N TYR B 186 31.15 -1.98 17.72
CA TYR B 186 30.17 -1.09 17.14
C TYR B 186 30.68 0.32 17.37
N LEU B 187 30.77 1.10 16.29
CA LEU B 187 31.32 2.45 16.32
C LEU B 187 30.28 3.50 16.04
N GLY B 188 30.33 4.54 16.87
CA GLY B 188 29.51 5.70 16.66
C GLY B 188 28.58 6.04 17.82
N ASP B 189 27.31 6.20 17.47
CA ASP B 189 26.28 6.55 18.40
C ASP B 189 25.71 5.25 18.91
N ALA B 190 26.15 4.85 20.10
CA ALA B 190 25.80 3.56 20.67
C ALA B 190 24.45 3.54 21.37
N ARG B 191 23.85 4.71 21.60
CA ARG B 191 22.64 4.75 22.42
C ARG B 191 21.42 4.53 21.55
N ASN B 192 21.58 4.25 20.27
CA ASN B 192 20.45 4.07 19.42
C ASN B 192 19.91 2.60 19.49
N ASN B 193 18.77 2.35 18.83
CA ASN B 193 18.10 1.07 18.94
C ASN B 193 19.03 -0.10 18.55
N VAL B 194 19.82 0.11 17.51
CA VAL B 194 20.73 -0.90 17.01
C VAL B 194 21.85 -1.19 18.03
N GLY B 195 22.43 -0.15 18.57
CA GLY B 195 23.45 -0.30 19.58
C GLY B 195 22.91 -1.01 20.82
N ASN B 196 21.76 -0.59 21.31
CA ASN B 196 21.15 -1.27 22.41
C ASN B 196 20.91 -2.74 22.15
N SER B 197 20.33 -3.06 20.99
CA SER B 197 20.05 -4.47 20.64
C SER B 197 21.31 -5.31 20.43
N LEU B 198 22.32 -4.73 19.83
CA LEU B 198 23.62 -5.42 19.69
C LEU B 198 24.21 -5.78 21.06
N MET B 199 24.09 -4.86 22.01
CA MET B 199 24.60 -5.10 23.34
C MET B 199 23.81 -6.23 24.06
N VAL B 200 22.47 -6.14 24.02
CA VAL B 200 21.64 -7.16 24.64
C VAL B 200 21.94 -8.49 23.98
N GLY B 201 22.03 -8.47 22.67
CA GLY B 201 22.36 -9.67 21.91
C GLY B 201 23.70 -10.29 22.25
N ALA B 202 24.75 -9.48 22.22
CA ALA B 202 26.08 -9.93 22.59
C ALA B 202 26.10 -10.59 23.97
N ALA B 203 25.45 -9.96 24.91
CA ALA B 203 25.40 -10.50 26.28
C ALA B 203 24.68 -11.85 26.29
N LYS B 204 23.52 -11.92 25.66
CA LYS B 204 22.78 -13.18 25.61
C LYS B 204 23.52 -14.34 24.98
N MET B 205 24.30 -14.06 23.95
CA MET B 205 24.93 -15.15 23.20
C MET B 205 26.36 -15.43 23.66
N GLY B 206 26.81 -14.69 24.66
CA GLY B 206 28.15 -14.87 25.23
C GLY B 206 29.25 -14.28 24.35
N MET B 207 28.95 -13.19 23.65
CA MET B 207 29.94 -12.60 22.75
C MET B 207 30.74 -11.54 23.44
N ASP B 208 31.78 -11.08 22.78
CA ASP B 208 32.66 -10.02 23.27
C ASP B 208 32.35 -8.82 22.36
N ILE B 209 31.62 -7.84 22.92
CA ILE B 209 31.28 -6.60 22.21
C ILE B 209 31.99 -5.37 22.76
N ARG B 210 32.49 -4.51 21.89
CA ARG B 210 33.01 -3.19 22.28
C ARG B 210 32.14 -2.15 21.65
N LEU B 211 31.61 -1.26 22.46
CA LEU B 211 30.95 -0.08 22.00
C LEU B 211 31.93 1.08 22.01
N VAL B 212 32.17 1.66 20.84
CA VAL B 212 33.30 2.59 20.64
C VAL B 212 32.77 3.87 20.04
N GLY B 213 32.83 4.92 20.84
CA GLY B 213 32.07 6.15 20.56
C GLY B 213 32.21 7.11 21.72
N PRO B 214 31.75 8.35 21.52
CA PRO B 214 31.84 9.33 22.63
C PRO B 214 30.96 8.95 23.80
N GLN B 215 31.50 9.15 24.98
CA GLN B 215 30.85 8.75 26.22
C GLN B 215 29.39 9.21 26.33
N ALA B 216 29.10 10.42 25.87
CA ALA B 216 27.75 10.96 25.96
C ALA B 216 26.73 10.11 25.18
N TYR B 217 27.21 9.29 24.26
CA TYR B 217 26.36 8.45 23.45
C TYR B 217 26.49 6.97 23.74
N TRP B 218 27.09 6.61 24.88
CA TRP B 218 27.00 5.23 25.32
C TRP B 218 25.53 4.89 25.72
N PRO B 219 25.17 3.61 25.73
CA PRO B 219 23.79 3.29 26.03
C PRO B 219 23.46 3.63 27.45
N ASP B 220 22.18 3.82 27.72
CA ASP B 220 21.64 3.98 29.04
C ASP B 220 22.32 3.07 30.08
N GLU B 221 22.67 3.65 31.20
CA GLU B 221 23.50 2.98 32.20
C GLU B 221 22.72 1.81 32.77
N GLU B 222 21.41 1.97 32.88
CA GLU B 222 20.59 0.95 33.47
C GLU B 222 20.61 -0.25 32.58
N LEU B 223 20.52 -0.02 31.28
CA LEU B 223 20.56 -1.12 30.32
C LEU B 223 21.95 -1.80 30.28
N VAL B 224 23.01 -1.01 30.32
CA VAL B 224 24.37 -1.58 30.41
C VAL B 224 24.49 -2.52 31.60
N ALA B 225 23.96 -2.11 32.74
CA ALA B 225 24.13 -2.89 33.96
C ALA B 225 23.34 -4.19 33.85
N ALA B 226 22.16 -4.13 33.25
CA ALA B 226 21.37 -5.36 33.05
C ALA B 226 22.08 -6.30 32.08
N CYS B 227 22.75 -5.73 31.10
CA CYS B 227 23.49 -6.52 30.12
C CYS B 227 24.79 -7.06 30.71
N GLN B 228 25.41 -6.32 31.61
CA GLN B 228 26.63 -6.81 32.31
C GLN B 228 26.29 -8.05 33.14
N ALA B 229 25.12 -8.04 33.77
CA ALA B 229 24.66 -9.17 34.56
C ALA B 229 24.36 -10.37 33.66
N ILE B 230 23.72 -10.13 32.54
CA ILE B 230 23.49 -11.25 31.62
C ILE B 230 24.79 -11.86 31.12
N ALA B 231 25.74 -11.01 30.72
CA ALA B 231 27.04 -11.43 30.17
C ALA B 231 27.89 -12.26 31.12
N LYS B 232 27.73 -11.99 32.40
CA LYS B 232 28.46 -12.69 33.45
C LYS B 232 27.99 -14.15 33.50
N GLN B 233 26.69 -14.40 33.29
CA GLN B 233 26.12 -15.74 33.31
C GLN B 233 26.43 -16.50 31.99
N THR B 234 26.69 -15.80 30.89
CA THR B 234 26.96 -16.42 29.60
C THR B 234 28.44 -16.43 29.19
N GLY B 235 29.32 -15.80 29.96
CA GLY B 235 30.75 -15.74 29.60
C GLY B 235 30.98 -14.74 28.49
N GLY B 236 30.05 -13.80 28.38
CA GLY B 236 30.20 -12.73 27.41
C GLY B 236 31.02 -11.59 27.99
N LYS B 237 31.26 -10.58 27.18
CA LYS B 237 31.99 -9.44 27.63
C LYS B 237 31.57 -8.15 26.92
N ILE B 238 31.46 -7.10 27.71
CA ILE B 238 31.02 -5.80 27.28
C ILE B 238 32.00 -4.74 27.69
N THR B 239 32.51 -3.99 26.71
CA THR B 239 33.44 -2.87 26.95
C THR B 239 32.91 -1.61 26.25
N LEU B 240 32.93 -0.49 26.97
CA LEU B 240 32.58 0.84 26.44
C LEU B 240 33.83 1.68 26.43
N THR B 241 34.19 2.30 25.32
CA THR B 241 35.39 3.13 25.32
C THR B 241 35.33 4.19 24.24
N GLU B 242 36.09 5.27 24.47
CA GLU B 242 36.29 6.32 23.48
C GLU B 242 37.53 6.05 22.62
N ASN B 243 38.31 5.03 22.97
CA ASN B 243 39.56 4.75 22.24
C ASN B 243 39.42 3.76 21.11
N VAL B 244 39.50 4.26 19.88
CA VAL B 244 39.30 3.45 18.71
C VAL B 244 40.27 2.26 18.66
N ALA B 245 41.56 2.54 18.78
CA ALA B 245 42.59 1.49 18.67
C ALA B 245 42.35 0.35 19.64
N GLU B 246 42.02 0.69 20.88
CA GLU B 246 41.81 -0.32 21.88
C GLU B 246 40.46 -0.97 21.69
N GLY B 247 39.47 -0.22 21.28
CA GLY B 247 38.15 -0.78 21.09
C GLY B 247 38.08 -1.82 19.98
N VAL B 248 38.85 -1.61 18.90
CA VAL B 248 38.72 -2.47 17.71
C VAL B 248 39.71 -3.60 17.61
N GLN B 249 40.72 -3.58 18.46
CA GLN B 249 41.81 -4.55 18.44
C GLN B 249 41.25 -5.95 18.50
N GLY B 250 41.63 -6.78 17.53
CA GLY B 250 41.28 -8.18 17.51
C GLY B 250 39.91 -8.50 17.00
N CYS B 251 39.19 -7.49 16.52
CA CYS B 251 37.80 -7.70 16.15
C CYS B 251 37.64 -8.47 14.84
N ASP B 252 36.68 -9.40 14.86
CA ASP B 252 36.22 -10.11 13.66
C ASP B 252 35.36 -9.23 12.77
N PHE B 253 34.51 -8.44 13.39
CA PHE B 253 33.58 -7.57 12.66
C PHE B 253 33.66 -6.16 13.26
N LEU B 254 33.54 -5.19 12.36
CA LEU B 254 33.30 -3.80 12.72
C LEU B 254 31.92 -3.43 12.17
N TYR B 255 31.14 -2.74 12.98
CA TYR B 255 29.72 -2.42 12.68
C TYR B 255 29.58 -0.89 12.89
N THR B 256 28.86 -0.20 12.01
CA THR B 256 28.46 1.16 12.34
C THR B 256 27.05 1.46 11.82
N ASP B 257 26.59 2.68 12.07
CA ASP B 257 25.28 3.15 11.61
C ASP B 257 25.30 4.65 11.43
N VAL B 258 24.39 5.16 10.63
CA VAL B 258 24.24 6.61 10.47
C VAL B 258 24.15 7.25 11.87
N TRP B 259 24.89 8.34 12.11
CA TRP B 259 24.93 9.02 13.44
C TRP B 259 23.62 9.67 13.95
N VAL B 260 22.65 9.86 13.04
CA VAL B 260 21.32 10.47 13.32
C VAL B 260 20.13 9.49 13.01
N SER B 261 19.18 9.34 13.94
CA SER B 261 18.06 8.36 13.83
C SER B 261 16.82 8.91 13.08
N MET B 262 15.92 7.99 12.70
CA MET B 262 14.61 8.34 12.09
C MET B 262 13.68 9.17 13.02
N GLY B 263 13.13 10.27 12.48
CA GLY B 263 12.32 11.22 13.26
C GLY B 263 13.08 12.38 13.95
N GLU B 264 14.42 12.32 14.02
CA GLU B 264 15.22 13.42 14.59
C GLU B 264 15.32 14.56 13.58
N SER B 265 15.42 15.78 14.09
CA SER B 265 15.49 16.98 13.25
C SER B 265 16.89 17.09 12.54
N PRO B 266 16.99 17.80 11.39
CA PRO B 266 18.26 18.13 10.71
C PRO B 266 19.24 18.91 11.58
N GLU B 267 18.72 19.55 12.64
CA GLU B 267 19.57 20.21 13.65
C GLU B 267 20.44 19.23 14.48
N ALA B 268 20.04 17.97 14.57
CA ALA B 268 20.88 16.97 15.25
C ALA B 268 22.30 16.84 14.65
N TRP B 269 22.44 16.99 13.33
CA TRP B 269 23.76 16.98 12.60
C TRP B 269 24.77 18.12 12.92
N ASP B 270 24.31 19.18 13.58
CA ASP B 270 25.13 20.37 13.92
C ASP B 270 26.23 20.04 14.93
N GLU B 271 25.83 19.55 16.10
CA GLU B 271 26.79 19.19 17.13
C GLU B 271 27.41 17.80 16.96
N ARG B 272 26.68 16.88 16.31
CA ARG B 272 27.11 15.51 16.25
C ARG B 272 28.28 15.25 15.35
N VAL B 273 28.48 15.99 14.26
CA VAL B 273 29.49 15.54 13.29
C VAL B 273 30.93 15.63 13.78
N ALA B 274 31.32 16.78 14.30
CA ALA B 274 32.69 16.98 14.75
C ALA B 274 32.99 16.00 15.90
N LEU B 275 32.00 15.80 16.74
CA LEU B 275 32.06 14.82 17.78
C LEU B 275 32.15 13.35 17.30
N MET B 276 31.47 12.99 16.20
CA MET B 276 31.40 11.59 15.78
C MET B 276 32.49 11.25 14.78
N LYS B 277 32.99 12.28 14.14
CA LYS B 277 33.96 12.13 13.08
C LYS B 277 35.11 11.18 13.39
N PRO B 278 35.73 11.29 14.57
CA PRO B 278 36.88 10.39 14.83
C PRO B 278 36.50 8.91 14.91
N TYR B 279 35.21 8.58 14.89
CA TYR B 279 34.77 7.18 14.92
C TYR B 279 34.36 6.66 13.57
N GLN B 280 34.63 7.45 12.54
CA GLN B 280 34.32 7.02 11.17
C GLN B 280 35.02 5.69 10.88
N VAL B 281 34.35 4.78 10.19
CA VAL B 281 35.02 3.56 9.80
C VAL B 281 35.68 3.75 8.45
N ASN B 282 37.00 3.79 8.45
CA ASN B 282 37.77 3.94 7.22
C ASN B 282 38.82 2.85 7.21
N MET B 283 39.64 2.79 6.17
CA MET B 283 40.63 1.70 6.05
C MET B 283 41.59 1.65 7.22
N ASN B 284 41.91 2.82 7.74
CA ASN B 284 42.83 2.89 8.85
C ASN B 284 42.25 2.10 10.04
N VAL B 285 40.95 2.24 10.27
CA VAL B 285 40.31 1.57 11.39
C VAL B 285 40.35 0.06 11.22
N LEU B 286 40.07 -0.40 10.01
CA LEU B 286 40.20 -1.82 9.67
C LEU B 286 41.62 -2.30 9.97
N LYS B 287 42.62 -1.51 9.56
CA LYS B 287 44.04 -1.82 9.89
C LYS B 287 44.28 -1.94 11.40
N GLN B 288 43.70 -1.05 12.19
CA GLN B 288 43.95 -1.09 13.63
C GLN B 288 43.37 -2.35 14.28
N THR B 289 42.51 -3.09 13.59
CA THR B 289 42.09 -4.37 14.17
C THR B 289 43.26 -5.37 14.30
N GLY B 290 44.24 -5.22 13.42
CA GLY B 290 45.31 -6.20 13.28
C GLY B 290 44.83 -7.48 12.61
N ASN B 291 43.61 -7.48 12.05
CA ASN B 291 43.02 -8.68 11.50
C ASN B 291 42.71 -8.55 10.00
N PRO B 292 43.54 -9.18 9.17
CA PRO B 292 43.38 -9.08 7.72
C PRO B 292 42.04 -9.63 7.22
N ASN B 293 41.41 -10.50 8.02
CA ASN B 293 40.09 -11.06 7.71
C ASN B 293 38.89 -10.31 8.31
N VAL B 294 39.14 -9.13 8.86
CA VAL B 294 38.07 -8.36 9.47
C VAL B 294 36.96 -8.10 8.41
N LYS B 295 35.70 -8.17 8.85
CA LYS B 295 34.59 -7.84 7.98
C LYS B 295 33.85 -6.60 8.50
N PHE B 296 33.17 -5.92 7.57
CA PHE B 296 32.45 -4.71 7.86
C PHE B 296 30.94 -4.89 7.73
N MET B 297 30.23 -4.41 8.76
CA MET B 297 28.76 -4.48 8.80
C MET B 297 28.12 -3.13 9.07
N HIS B 298 26.87 -2.99 8.57
CA HIS B 298 26.11 -1.76 8.67
C HIS B 298 24.66 -2.13 8.45
N CYS B 299 23.76 -1.63 9.33
CA CYS B 299 22.34 -2.05 9.23
C CYS B 299 21.61 -1.48 8.00
N LEU B 300 22.11 -0.34 7.51
CA LEU B 300 21.66 0.36 6.34
C LEU B 300 20.35 1.12 6.71
N PRO B 301 20.03 2.20 5.99
CA PRO B 301 20.86 2.80 4.93
C PRO B 301 22.10 3.51 5.46
N ALA B 302 23.08 3.69 4.60
CA ALA B 302 24.33 4.26 4.94
C ALA B 302 24.65 5.49 4.08
N PHE B 303 25.38 6.43 4.67
CA PHE B 303 25.90 7.60 3.99
C PHE B 303 27.38 7.40 3.82
N HIS B 304 27.74 6.87 2.66
CA HIS B 304 29.10 6.51 2.36
C HIS B 304 29.66 7.22 1.11
N ASN B 305 28.86 8.06 0.46
CA ASN B 305 29.34 8.86 -0.66
C ASN B 305 28.35 9.99 -0.88
N ASP B 306 28.42 10.64 -2.06
CA ASP B 306 27.55 11.77 -2.39
C ASP B 306 26.32 11.42 -3.28
N GLU B 307 25.94 10.16 -3.37
CA GLU B 307 24.85 9.73 -4.28
C GLU B 307 23.53 9.69 -3.52
N THR B 308 23.50 10.36 -2.38
CA THR B 308 22.29 10.48 -1.55
C THR B 308 22.08 12.00 -1.45
N THR B 309 20.84 12.49 -1.50
CA THR B 309 20.65 13.97 -1.39
C THR B 309 21.11 14.48 -0.01
N ILE B 310 20.64 13.84 1.05
CA ILE B 310 21.01 14.18 2.43
C ILE B 310 22.50 13.94 2.69
N GLY B 311 23.05 12.82 2.25
CA GLY B 311 24.46 12.50 2.51
C GLY B 311 25.41 13.44 1.78
N LYS B 312 25.00 13.88 0.60
CA LYS B 312 25.73 14.83 -0.21
C LYS B 312 25.82 16.21 0.47
N GLN B 313 24.65 16.72 0.85
CA GLN B 313 24.61 18.03 1.49
C GLN B 313 25.39 17.99 2.84
N VAL B 314 25.17 16.97 3.68
CA VAL B 314 25.85 16.92 5.00
C VAL B 314 27.37 16.79 4.85
N ALA B 315 27.80 15.86 4.01
CA ALA B 315 29.21 15.66 3.80
C ALA B 315 29.84 16.94 3.27
N ASP B 316 29.14 17.64 2.36
CA ASP B 316 29.66 18.92 1.81
C ASP B 316 29.74 20.06 2.84
N LYS B 317 28.65 20.25 3.59
CA LYS B 317 28.53 21.14 4.77
C LYS B 317 29.70 21.01 5.79
N PHE B 318 30.24 19.80 5.95
CA PHE B 318 31.35 19.54 6.89
C PHE B 318 32.62 19.09 6.16
N GLY B 319 32.71 19.36 4.85
CA GLY B 319 33.91 19.06 4.08
C GLY B 319 34.36 17.60 4.01
N MET B 320 33.42 16.64 4.08
CA MET B 320 33.71 15.17 4.09
C MET B 320 33.25 14.39 2.84
N LYS B 321 33.79 13.17 2.66
CA LYS B 321 33.38 12.21 1.62
C LYS B 321 32.95 10.86 2.24
N GLY B 322 31.65 10.74 2.53
CA GLY B 322 31.17 9.65 3.37
C GLY B 322 31.23 10.07 4.82
N LEU B 323 30.29 9.59 5.61
CA LEU B 323 30.17 10.01 7.00
C LEU B 323 30.62 8.87 7.93
N GLU B 324 29.70 8.02 8.37
CA GLU B 324 30.03 7.01 9.37
C GLU B 324 30.96 5.94 8.80
N VAL B 325 30.98 5.78 7.47
CA VAL B 325 31.86 4.84 6.79
C VAL B 325 32.27 5.45 5.45
N THR B 326 33.46 5.13 4.94
CA THR B 326 33.92 5.62 3.63
C THR B 326 33.51 4.68 2.51
N GLU B 327 33.51 5.20 1.27
CA GLU B 327 33.14 4.42 0.06
C GLU B 327 34.06 3.22 -0.13
N GLU B 328 35.34 3.49 0.04
CA GLU B 328 36.37 2.47 -0.03
C GLU B 328 36.08 1.29 0.91
N VAL B 329 35.71 1.56 2.17
CA VAL B 329 35.38 0.45 3.05
C VAL B 329 34.06 -0.20 2.64
N PHE B 330 33.06 0.61 2.33
CA PHE B 330 31.69 0.10 2.04
C PHE B 330 31.68 -0.88 0.84
N GLU B 331 32.47 -0.56 -0.18
CA GLU B 331 32.52 -1.35 -1.44
C GLU B 331 33.73 -2.28 -1.51
N SER B 332 34.49 -2.38 -0.43
CA SER B 332 35.61 -3.33 -0.39
C SER B 332 35.10 -4.74 -0.17
N GLU B 333 35.99 -5.68 -0.37
CA GLU B 333 35.71 -7.08 -0.14
C GLU B 333 35.53 -7.40 1.33
N HIS B 334 35.96 -6.51 2.20
CA HIS B 334 35.64 -6.70 3.61
C HIS B 334 34.14 -6.49 3.93
N SER B 335 33.43 -5.76 3.09
CA SER B 335 32.05 -5.37 3.37
C SER B 335 31.11 -6.54 3.12
N ILE B 336 30.25 -6.86 4.09
CA ILE B 336 29.22 -7.90 3.90
C ILE B 336 27.77 -7.35 4.10
N VAL B 337 27.63 -6.05 3.89
CA VAL B 337 26.37 -5.39 4.13
C VAL B 337 25.20 -5.97 3.32
N PHE B 338 25.43 -6.51 2.13
CA PHE B 338 24.30 -6.90 1.30
C PHE B 338 23.85 -8.30 1.63
N ASP B 339 24.78 -9.12 2.10
CA ASP B 339 24.44 -10.40 2.73
C ASP B 339 23.63 -10.16 3.99
N GLU B 340 24.04 -9.16 4.77
CA GLU B 340 23.44 -8.84 6.02
C GLU B 340 22.00 -8.37 5.74
N ALA B 341 21.84 -7.58 4.68
CA ALA B 341 20.55 -7.11 4.31
C ALA B 341 19.63 -8.24 3.85
N GLU B 342 20.15 -9.14 3.05
CA GLU B 342 19.35 -10.29 2.63
C GLU B 342 18.85 -11.07 3.84
N ASN B 343 19.71 -11.16 4.85
CA ASN B 343 19.40 -11.96 6.03
C ASN B 343 18.28 -11.43 6.89
N ARG B 344 17.96 -10.17 6.73
CA ARG B 344 16.74 -9.64 7.35
C ARG B 344 15.50 -10.47 7.03
N MET B 345 15.41 -10.96 5.79
CA MET B 345 14.19 -11.62 5.34
C MET B 345 14.16 -13.02 5.93
N HIS B 346 15.29 -13.72 5.84
CA HIS B 346 15.34 -15.08 6.37
C HIS B 346 15.03 -15.12 7.87
N THR B 347 15.56 -14.16 8.63
CA THR B 347 15.42 -14.17 10.09
C THR B 347 14.00 -13.73 10.48
N ILE B 348 13.48 -12.71 9.82
CA ILE B 348 12.06 -12.36 10.05
C ILE B 348 11.12 -13.55 9.74
N LYS B 349 11.46 -14.29 8.69
CA LYS B 349 10.73 -15.49 8.34
C LYS B 349 10.72 -16.47 9.50
N ALA B 350 11.89 -16.66 10.13
CA ALA B 350 12.00 -17.54 11.28
C ALA B 350 11.12 -17.11 12.44
N VAL B 351 11.14 -15.80 12.71
CA VAL B 351 10.29 -15.30 13.76
C VAL B 351 8.83 -15.61 13.53
N MET B 352 8.32 -15.32 12.34
CA MET B 352 6.93 -15.59 12.04
C MET B 352 6.61 -17.07 12.03
N VAL B 353 7.52 -17.87 11.48
CA VAL B 353 7.30 -19.31 11.41
C VAL B 353 7.28 -19.91 12.80
N ALA B 354 8.24 -19.54 13.67
CA ALA B 354 8.29 -20.11 15.01
C ALA B 354 7.07 -19.74 15.82
N THR B 355 6.61 -18.49 15.72
CA THR B 355 5.58 -17.97 16.61
C THR B 355 4.19 -18.26 16.10
N LEU B 356 4.01 -18.32 14.79
CA LEU B 356 2.70 -18.44 14.21
C LEU B 356 2.54 -19.68 13.33
N GLY B 357 3.66 -20.31 13.00
CA GLY B 357 3.67 -21.36 12.00
C GLY B 357 3.06 -22.63 12.59
N SER B 358 2.42 -23.41 11.75
CA SER B 358 1.91 -24.71 12.17
C SER B 358 2.08 -25.67 10.99
N MET C 25 14.55 -17.09 -29.13
CA MET C 25 13.66 -15.89 -29.02
C MET C 25 13.00 -15.80 -27.65
N ALA C 26 12.09 -16.74 -27.37
CA ALA C 26 11.60 -16.90 -26.00
C ALA C 26 12.84 -17.14 -25.12
N PHE C 27 13.73 -18.01 -25.57
CA PHE C 27 14.94 -18.34 -24.81
C PHE C 27 15.71 -17.05 -24.55
N ASN C 28 15.83 -16.21 -25.58
CA ASN C 28 16.66 -15.00 -25.53
C ASN C 28 16.12 -13.86 -24.67
N LEU C 29 14.82 -13.88 -24.38
CA LEU C 29 14.21 -12.84 -23.58
C LEU C 29 14.29 -13.16 -22.07
N ARG C 30 14.47 -14.42 -21.70
CA ARG C 30 14.61 -14.84 -20.31
C ARG C 30 15.68 -14.06 -19.55
N ASN C 31 15.30 -13.56 -18.38
CA ASN C 31 16.15 -12.72 -17.56
C ASN C 31 16.63 -11.40 -18.09
N ARG C 32 16.07 -10.94 -19.21
CA ARG C 32 16.41 -9.62 -19.70
C ARG C 32 15.68 -8.61 -18.84
N ASN C 33 16.22 -7.40 -18.84
CA ASN C 33 15.50 -6.22 -18.39
C ASN C 33 14.54 -5.73 -19.48
N PHE C 34 13.55 -4.90 -19.15
CA PHE C 34 12.73 -4.21 -20.16
C PHE C 34 12.76 -2.73 -19.89
N LEU C 35 13.84 -2.10 -20.30
CA LEU C 35 14.10 -0.72 -19.97
C LEU C 35 13.77 0.32 -21.05
N LYS C 36 13.82 -0.09 -22.31
CA LYS C 36 13.45 0.78 -23.46
C LYS C 36 13.41 -0.11 -24.70
N LEU C 37 12.62 0.31 -25.66
CA LEU C 37 12.45 -0.47 -26.90
C LEU C 37 13.73 -0.55 -27.73
N LEU C 38 14.65 0.40 -27.56
CA LEU C 38 15.91 0.38 -28.27
C LEU C 38 16.73 -0.88 -27.95
N ASP C 39 16.46 -1.51 -26.82
CA ASP C 39 17.20 -2.69 -26.41
C ASP C 39 16.75 -3.97 -27.08
N PHE C 40 15.73 -3.91 -27.93
CA PHE C 40 15.13 -5.11 -28.52
C PHE C 40 15.10 -5.06 -30.02
N SER C 41 15.10 -6.24 -30.63
CA SER C 41 14.92 -6.39 -32.08
C SER C 41 13.43 -6.39 -32.48
N THR C 42 13.19 -6.13 -33.76
CA THR C 42 11.85 -6.13 -34.35
C THR C 42 11.12 -7.39 -33.98
N LYS C 43 11.79 -8.53 -34.17
CA LYS C 43 11.17 -9.82 -33.86
C LYS C 43 10.94 -10.08 -32.36
N GLU C 44 11.78 -9.54 -31.49
CA GLU C 44 11.50 -9.62 -30.03
C GLU C 44 10.26 -8.87 -29.64
N ILE C 45 10.11 -7.68 -30.19
CA ILE C 45 8.96 -6.84 -29.88
C ILE C 45 7.67 -7.54 -30.39
N GLN C 46 7.74 -8.06 -31.59
CA GLN C 46 6.59 -8.72 -32.19
C GLN C 46 6.25 -9.94 -31.32
N PHE C 47 7.26 -10.63 -30.84
CA PHE C 47 7.04 -11.76 -29.97
C PHE C 47 6.30 -11.31 -28.70
N LEU C 48 6.68 -10.15 -28.15
CA LEU C 48 6.01 -9.70 -26.92
C LEU C 48 4.56 -9.40 -27.19
N ILE C 49 4.31 -8.80 -28.35
CA ILE C 49 2.93 -8.45 -28.69
C ILE C 49 2.09 -9.70 -28.90
N ASP C 50 2.65 -10.66 -29.63
CA ASP C 50 1.98 -11.95 -29.88
C ASP C 50 1.69 -12.68 -28.60
N LEU C 51 2.67 -12.69 -27.70
CA LEU C 51 2.48 -13.30 -26.40
C LEU C 51 1.34 -12.57 -25.65
N SER C 52 1.30 -11.24 -25.70
CA SER C 52 0.19 -10.46 -25.09
C SER C 52 -1.17 -10.91 -25.59
N ALA C 53 -1.27 -11.06 -26.90
CA ALA C 53 -2.55 -11.48 -27.50
C ALA C 53 -2.93 -12.85 -26.98
N ASP C 54 -1.97 -13.76 -26.93
CA ASP C 54 -2.25 -15.09 -26.40
C ASP C 54 -2.73 -15.04 -24.95
N LEU C 55 -2.13 -14.18 -24.13
CA LEU C 55 -2.44 -14.15 -22.71
C LEU C 55 -3.82 -13.52 -22.51
N LYS C 56 -4.11 -12.55 -23.35
CA LYS C 56 -5.38 -11.93 -23.30
C LYS C 56 -6.52 -12.93 -23.61
N LYS C 57 -6.34 -13.64 -24.71
CA LYS C 57 -7.29 -14.66 -25.15
C LYS C 57 -7.45 -15.75 -24.08
N ALA C 58 -6.34 -16.19 -23.47
CA ALA C 58 -6.41 -17.23 -22.44
C ALA C 58 -7.20 -16.71 -21.24
N LYS C 59 -6.92 -15.48 -20.82
CA LYS C 59 -7.66 -14.89 -19.70
C LYS C 59 -9.16 -14.83 -20.00
N TYR C 60 -9.54 -14.30 -21.15
CA TYR C 60 -10.96 -14.25 -21.58
C TYR C 60 -11.66 -15.60 -21.63
N ALA C 61 -10.93 -16.67 -21.94
CA ALA C 61 -11.49 -18.00 -22.01
C ALA C 61 -11.45 -18.72 -20.66
N GLY C 62 -10.86 -18.12 -19.62
CA GLY C 62 -10.74 -18.76 -18.30
C GLY C 62 -9.72 -19.88 -18.32
N THR C 63 -8.74 -19.77 -19.21
CA THR C 63 -7.81 -20.86 -19.58
C THR C 63 -6.35 -20.53 -19.19
N GLU C 64 -6.16 -19.41 -18.53
CA GLU C 64 -4.80 -18.86 -18.33
C GLU C 64 -3.91 -19.81 -17.56
N GLN C 65 -2.69 -20.02 -18.02
CA GLN C 65 -1.71 -20.78 -17.23
C GLN C 65 -0.73 -19.89 -16.49
N LYS C 66 -0.58 -20.14 -15.21
CA LYS C 66 0.32 -19.31 -14.38
C LYS C 66 1.81 -19.61 -14.50
N LYS C 67 2.57 -18.67 -15.04
CA LYS C 67 4.01 -18.82 -15.18
C LYS C 67 4.83 -18.14 -14.13
N LEU C 68 4.21 -17.33 -13.26
CA LEU C 68 4.95 -16.56 -12.22
C LEU C 68 4.63 -17.02 -10.81
N LEU C 69 4.16 -18.25 -10.70
CA LEU C 69 3.83 -18.85 -9.44
C LEU C 69 5.09 -18.89 -8.53
N GLY C 70 4.98 -18.50 -7.28
CA GLY C 70 6.12 -18.43 -6.36
C GLY C 70 7.04 -17.20 -6.55
N LYS C 71 6.69 -16.28 -7.46
CA LYS C 71 7.49 -15.11 -7.69
C LYS C 71 6.94 -13.90 -6.94
N ASN C 72 7.86 -13.12 -6.39
CA ASN C 72 7.60 -11.93 -5.66
C ASN C 72 8.16 -10.76 -6.42
N ILE C 73 7.38 -9.68 -6.57
CA ILE C 73 7.81 -8.55 -7.40
C ILE C 73 7.65 -7.28 -6.59
N ALA C 74 8.63 -6.39 -6.69
CA ALA C 74 8.62 -5.02 -6.08
C ALA C 74 8.27 -3.98 -7.09
N LEU C 75 7.32 -3.13 -6.75
CA LEU C 75 6.86 -2.10 -7.67
C LEU C 75 7.26 -0.76 -7.05
N ILE C 76 8.31 -0.16 -7.59
CA ILE C 76 8.80 1.13 -7.13
C ILE C 76 8.23 2.26 -7.95
N PHE C 77 7.47 3.12 -7.29
CA PHE C 77 6.90 4.31 -7.91
C PHE C 77 7.39 5.55 -7.22
N GLU C 78 8.35 6.22 -7.82
CA GLU C 78 8.77 7.51 -7.30
C GLU C 78 7.84 8.65 -7.65
N LYS C 79 6.92 8.43 -8.57
CA LYS C 79 5.85 9.37 -8.87
C LYS C 79 4.60 8.52 -9.11
N ALA C 80 3.48 8.91 -8.57
CA ALA C 80 2.36 8.01 -8.59
C ALA C 80 1.80 7.90 -9.99
N SER C 81 1.23 6.74 -10.29
CA SER C 81 0.54 6.51 -11.50
C SER C 81 -0.21 5.27 -11.25
N THR C 82 -1.48 5.43 -10.89
CA THR C 82 -2.41 4.38 -10.55
C THR C 82 -2.71 3.45 -11.73
N ARG C 83 -2.74 3.97 -12.94
CA ARG C 83 -2.94 3.10 -14.16
C ARG C 83 -1.79 2.10 -14.40
N THR C 84 -0.58 2.58 -14.49
CA THR C 84 0.58 1.63 -14.69
C THR C 84 0.67 0.67 -13.47
N ARG C 85 0.45 1.21 -12.28
CA ARG C 85 0.50 0.40 -11.05
C ARG C 85 -0.54 -0.74 -11.10
N CYS C 86 -1.79 -0.39 -11.35
CA CYS C 86 -2.85 -1.36 -11.50
C CYS C 86 -2.56 -2.43 -12.57
N ALA C 87 -2.03 -2.03 -13.73
CA ALA C 87 -1.67 -3.02 -14.75
C ALA C 87 -0.63 -4.05 -14.27
N PHE C 88 0.42 -3.57 -13.58
CA PHE C 88 1.42 -4.49 -12.99
C PHE C 88 0.81 -5.36 -11.96
N GLU C 89 -0.06 -4.81 -11.11
CA GLU C 89 -0.58 -5.62 -10.02
C GLU C 89 -1.53 -6.72 -10.52
N VAL C 90 -2.48 -6.33 -11.38
CA VAL C 90 -3.41 -7.30 -11.97
C VAL C 90 -2.65 -8.36 -12.80
N ALA C 91 -1.67 -7.94 -13.57
CA ALA C 91 -0.91 -8.92 -14.39
C ALA C 91 -0.20 -9.91 -13.49
N ALA C 92 0.36 -9.39 -12.40
CA ALA C 92 1.09 -10.27 -11.50
C ALA C 92 0.15 -11.21 -10.82
N PHE C 93 -0.97 -10.67 -10.33
CA PHE C 93 -1.93 -11.53 -9.64
C PHE C 93 -2.49 -12.68 -10.53
N ASP C 94 -2.89 -12.34 -11.75
CA ASP C 94 -3.36 -13.32 -12.71
C ASP C 94 -2.31 -14.41 -12.93
N GLN C 95 -1.04 -14.03 -12.92
CA GLN C 95 0.03 -15.00 -13.19
C GLN C 95 0.57 -15.71 -11.98
N GLY C 96 -0.06 -15.54 -10.83
CA GLY C 96 0.37 -16.24 -9.59
C GLY C 96 1.50 -15.58 -8.78
N ALA C 97 1.92 -14.38 -9.15
CA ALA C 97 2.91 -13.63 -8.36
C ALA C 97 2.29 -12.80 -7.24
N GLN C 98 3.15 -12.38 -6.30
CA GLN C 98 2.79 -11.45 -5.26
C GLN C 98 3.61 -10.18 -5.41
N VAL C 99 3.04 -9.05 -4.98
CA VAL C 99 3.67 -7.75 -5.21
C VAL C 99 3.75 -6.93 -3.94
N THR C 100 4.83 -6.14 -3.85
CA THR C 100 5.00 -5.14 -2.91
C THR C 100 5.02 -3.80 -3.64
N TYR C 101 4.06 -2.94 -3.31
CA TYR C 101 3.97 -1.59 -3.88
C TYR C 101 4.71 -0.67 -2.96
N ILE C 102 5.71 -0.01 -3.49
CA ILE C 102 6.47 1.06 -2.82
C ILE C 102 6.22 2.38 -3.51
N GLY C 103 5.40 3.21 -2.87
CA GLY C 103 5.00 4.48 -3.48
C GLY C 103 5.92 5.67 -3.15
N PRO C 104 5.52 6.88 -3.57
CA PRO C 104 6.42 8.04 -3.46
C PRO C 104 6.92 8.35 -2.04
N SER C 105 6.13 8.12 -1.01
CA SER C 105 6.66 8.17 0.38
C SER C 105 6.69 6.76 1.07
N GLY C 106 7.12 6.70 2.35
CA GLY C 106 7.24 5.42 3.14
C GLY C 106 8.44 4.49 2.86
N SER C 107 9.22 4.82 1.81
CA SER C 107 10.45 4.10 1.38
C SER C 107 11.75 4.82 1.96
N GLN C 108 12.98 4.47 1.52
CA GLN C 108 14.21 5.27 1.73
C GLN C 108 14.89 5.85 0.40
N ILE C 109 14.15 5.99 -0.73
CA ILE C 109 14.73 6.10 -2.13
C ILE C 109 15.04 7.48 -2.79
N GLY C 110 16.28 7.60 -3.30
CA GLY C 110 16.84 8.85 -3.81
C GLY C 110 17.48 9.72 -2.71
N ASP C 111 16.92 9.63 -1.50
CA ASP C 111 17.17 10.64 -0.42
C ASP C 111 18.06 10.14 0.78
N LYS C 112 17.68 9.02 1.36
CA LYS C 112 18.47 8.42 2.44
C LYS C 112 19.42 7.34 1.88
N GLU C 113 19.17 6.83 0.67
CA GLU C 113 19.89 5.67 0.13
C GLU C 113 20.08 5.76 -1.38
N SER C 114 21.27 5.45 -1.89
CA SER C 114 21.52 5.51 -3.33
C SER C 114 20.77 4.39 -4.09
N MET C 115 20.68 4.56 -5.40
CA MET C 115 19.99 3.59 -6.21
C MET C 115 20.80 2.31 -6.29
N LYS C 116 22.12 2.46 -6.28
CA LYS C 116 22.96 1.30 -6.28
C LYS C 116 22.71 0.40 -5.09
N ASP C 117 22.59 1.01 -3.91
CA ASP C 117 22.35 0.26 -2.68
C ASP C 117 20.96 -0.34 -2.70
N THR C 118 19.99 0.44 -3.10
CA THR C 118 18.62 -0.03 -3.12
C THR C 118 18.42 -1.20 -4.06
N ALA C 119 19.02 -1.08 -5.23
CA ALA C 119 19.00 -2.14 -6.23
C ALA C 119 19.54 -3.45 -5.69
N ARG C 120 20.65 -3.36 -4.95
CA ARG C 120 21.31 -4.59 -4.46
C ARG C 120 20.52 -5.21 -3.30
N VAL C 121 19.85 -4.40 -2.50
CA VAL C 121 18.95 -4.90 -1.47
C VAL C 121 17.71 -5.53 -2.05
N LEU C 122 17.05 -4.84 -2.95
CA LEU C 122 15.83 -5.38 -3.55
C LEU C 122 16.06 -6.66 -4.36
N GLY C 123 17.17 -6.69 -5.08
CA GLY C 123 17.60 -7.84 -5.86
C GLY C 123 17.82 -9.11 -5.08
N ARG C 124 18.25 -8.96 -3.83
CA ARG C 124 18.33 -10.09 -2.93
C ARG C 124 16.98 -10.61 -2.44
N MET C 125 15.98 -9.75 -2.34
CA MET C 125 14.70 -10.20 -1.83
C MET C 125 13.64 -10.50 -2.87
N TYR C 126 13.66 -9.83 -4.01
CA TYR C 126 12.61 -9.97 -5.02
C TYR C 126 13.13 -10.71 -6.24
N ASP C 127 12.21 -11.30 -7.01
CA ASP C 127 12.52 -11.97 -8.25
C ASP C 127 12.43 -11.02 -9.46
N GLY C 128 11.81 -9.86 -9.28
CA GLY C 128 11.68 -8.89 -10.37
C GLY C 128 11.26 -7.55 -9.81
N ILE C 129 11.59 -6.47 -10.52
CA ILE C 129 11.40 -5.10 -10.01
C ILE C 129 10.94 -4.18 -11.11
N GLN C 130 9.80 -3.49 -10.88
CA GLN C 130 9.34 -2.42 -11.75
C GLN C 130 9.76 -1.06 -11.15
N TYR C 131 10.08 -0.11 -12.02
CA TYR C 131 10.44 1.19 -11.60
C TYR C 131 9.74 2.19 -12.51
N ARG C 132 9.11 3.17 -11.88
CA ARG C 132 8.64 4.36 -12.52
C ARG C 132 9.14 5.58 -11.81
N GLY C 133 9.70 6.54 -12.57
CA GLY C 133 10.42 7.61 -11.94
C GLY C 133 10.90 8.67 -12.87
N PHE C 134 12.14 9.07 -12.68
CA PHE C 134 12.71 10.26 -13.35
C PHE C 134 13.61 9.80 -14.52
N GLY C 135 14.90 10.07 -14.46
CA GLY C 135 15.79 9.91 -15.62
C GLY C 135 15.98 8.44 -15.97
N GLN C 136 16.05 8.17 -17.25
CA GLN C 136 16.48 6.86 -17.79
C GLN C 136 17.75 6.36 -17.04
N ALA C 137 18.69 7.25 -16.72
CA ALA C 137 19.94 6.80 -16.10
C ALA C 137 19.71 6.07 -14.80
N ILE C 138 18.65 6.46 -14.08
CA ILE C 138 18.33 5.82 -12.82
C ILE C 138 17.82 4.40 -13.02
N VAL C 139 16.91 4.23 -13.96
CA VAL C 139 16.39 2.89 -14.22
C VAL C 139 17.49 2.01 -14.84
N GLU C 140 18.40 2.60 -15.58
CA GLU C 140 19.59 1.83 -16.12
C GLU C 140 20.52 1.37 -15.04
N GLU C 141 20.74 2.21 -14.05
CA GLU C 141 21.56 1.82 -12.89
C GLU C 141 20.88 0.72 -12.09
N LEU C 142 19.59 0.87 -11.84
CA LEU C 142 18.82 -0.16 -11.18
C LEU C 142 18.97 -1.48 -11.98
N GLY C 143 18.83 -1.39 -13.31
CA GLY C 143 18.89 -2.57 -14.14
C GLY C 143 20.25 -3.19 -14.12
N ALA C 144 21.29 -2.37 -13.94
CA ALA C 144 22.66 -2.91 -13.96
C ALA C 144 23.02 -3.54 -12.63
N PHE C 145 22.43 -3.08 -11.54
CA PHE C 145 22.83 -3.58 -10.23
C PHE C 145 21.86 -4.52 -9.54
N ALA C 146 20.61 -4.67 -9.99
CA ALA C 146 19.67 -5.46 -9.19
C ALA C 146 19.93 -6.96 -9.25
N GLY C 147 20.46 -7.45 -10.37
CA GLY C 147 20.69 -8.88 -10.54
C GLY C 147 19.42 -9.66 -10.91
N VAL C 148 18.33 -8.96 -11.15
CA VAL C 148 17.07 -9.58 -11.54
C VAL C 148 16.45 -8.69 -12.60
N PRO C 149 15.48 -9.21 -13.33
CA PRO C 149 14.84 -8.36 -14.31
C PRO C 149 14.20 -7.10 -13.72
N VAL C 150 14.47 -5.99 -14.40
CA VAL C 150 13.95 -4.70 -14.04
C VAL C 150 13.14 -4.16 -15.26
N TRP C 151 11.95 -3.62 -14.98
CA TRP C 151 11.07 -3.16 -16.00
C TRP C 151 10.74 -1.68 -15.80
N ASN C 152 10.84 -0.90 -16.86
CA ASN C 152 10.63 0.50 -16.88
C ASN C 152 9.19 0.87 -17.10
N GLY C 153 8.54 1.28 -16.03
CA GLY C 153 7.11 1.64 -16.09
C GLY C 153 6.88 3.08 -16.45
N LEU C 154 7.97 3.81 -16.71
CA LEU C 154 8.01 5.19 -17.23
C LEU C 154 9.21 5.92 -16.63
N THR C 155 9.98 6.56 -17.49
CA THR C 155 11.00 7.51 -17.14
C THR C 155 10.80 8.76 -17.98
N ASP C 156 11.58 9.80 -17.72
CA ASP C 156 11.46 11.09 -18.47
C ASP C 156 11.56 10.86 -19.96
N GLU C 157 12.46 9.97 -20.37
CA GLU C 157 12.82 9.76 -21.78
C GLU C 157 11.98 8.72 -22.49
N PHE C 158 11.55 7.65 -21.82
CA PHE C 158 10.84 6.53 -22.48
C PHE C 158 9.71 5.92 -21.67
N HIS C 159 8.75 5.31 -22.38
CA HIS C 159 7.58 4.68 -21.79
C HIS C 159 7.24 3.44 -22.59
N PRO C 160 8.11 2.41 -22.53
CA PRO C 160 8.02 1.29 -23.45
C PRO C 160 6.78 0.40 -23.27
N THR C 161 6.31 0.22 -22.03
CA THR C 161 5.14 -0.59 -21.83
C THR C 161 3.92 0.05 -22.48
N GLN C 162 3.81 1.37 -22.45
CA GLN C 162 2.64 2.02 -23.06
C GLN C 162 2.59 1.70 -24.59
N ILE C 163 3.74 1.69 -25.24
CA ILE C 163 3.76 1.52 -26.68
C ILE C 163 3.43 0.08 -27.05
N LEU C 164 3.89 -0.90 -26.28
CA LEU C 164 3.43 -2.26 -26.53
C LEU C 164 1.90 -2.33 -26.55
N ALA C 165 1.28 -1.68 -25.58
CA ALA C 165 -0.16 -1.71 -25.46
C ALA C 165 -0.79 -1.05 -26.65
N ASP C 166 -0.17 0.04 -27.08
CA ASP C 166 -0.66 0.77 -28.25
C ASP C 166 -0.60 -0.09 -29.51
N PHE C 167 0.50 -0.79 -29.69
CA PHE C 167 0.67 -1.60 -30.88
C PHE C 167 -0.28 -2.80 -30.88
N LEU C 168 -0.47 -3.48 -29.75
CA LEU C 168 -1.47 -4.53 -29.68
C LEU C 168 -2.84 -4.01 -30.04
N THR C 169 -3.14 -2.82 -29.55
CA THR C 169 -4.43 -2.20 -29.81
C THR C 169 -4.62 -1.91 -31.29
N MET C 170 -3.58 -1.39 -31.94
CA MET C 170 -3.65 -1.14 -33.36
C MET C 170 -3.90 -2.41 -34.16
N LEU C 171 -3.14 -3.45 -33.88
CA LEU C 171 -3.33 -4.71 -34.58
C LEU C 171 -4.76 -5.19 -34.39
N GLU C 172 -5.29 -5.12 -33.18
CA GLU C 172 -6.64 -5.59 -32.94
C GLU C 172 -7.65 -4.77 -33.68
N HIS C 173 -7.36 -3.50 -33.95
CA HIS C 173 -8.35 -2.66 -34.60
C HIS C 173 -8.04 -2.41 -36.08
N SER C 174 -7.24 -3.29 -36.69
CA SER C 174 -6.83 -3.11 -38.09
C SER C 174 -7.20 -4.28 -39.01
N GLN C 175 -8.13 -5.15 -38.60
CA GLN C 175 -8.63 -6.22 -39.47
C GLN C 175 -7.54 -6.96 -40.23
N GLY C 176 -6.61 -7.54 -39.48
CA GLY C 176 -5.57 -8.39 -40.05
C GLY C 176 -4.35 -7.71 -40.67
N LYS C 177 -4.37 -6.39 -40.85
CA LYS C 177 -3.16 -5.66 -41.24
C LYS C 177 -2.06 -5.83 -40.21
N ALA C 178 -0.83 -5.98 -40.70
CA ALA C 178 0.33 -6.02 -39.84
C ALA C 178 0.80 -4.60 -39.53
N LEU C 179 1.67 -4.49 -38.54
CA LEU C 179 2.18 -3.19 -38.12
C LEU C 179 2.93 -2.46 -39.21
N ALA C 180 3.75 -3.20 -39.96
CA ALA C 180 4.50 -2.62 -41.07
C ALA C 180 3.60 -1.88 -42.10
N ASP C 181 2.33 -2.24 -42.12
CA ASP C 181 1.37 -1.70 -43.11
C ASP C 181 0.59 -0.50 -42.54
N ILE C 182 0.73 -0.23 -41.24
CA ILE C 182 -0.09 0.80 -40.59
C ILE C 182 0.56 2.18 -40.64
N GLN C 183 -0.28 3.22 -40.73
CA GLN C 183 0.15 4.62 -40.71
C GLN C 183 -0.56 5.32 -39.59
N PHE C 184 0.16 6.12 -38.83
CA PHE C 184 -0.45 6.86 -37.76
C PHE C 184 0.24 8.15 -37.49
N ALA C 185 -0.53 9.07 -36.91
CA ALA C 185 0.00 10.35 -36.54
C ALA C 185 -0.12 10.57 -35.04
N TYR C 186 0.91 11.16 -34.47
CA TYR C 186 0.89 11.63 -33.08
C TYR C 186 0.89 13.12 -33.12
N LEU C 187 -0.08 13.73 -32.44
CA LEU C 187 -0.24 15.19 -32.41
C LEU C 187 0.05 15.81 -31.07
N GLY C 188 0.77 16.91 -31.11
CA GLY C 188 1.00 17.73 -29.93
C GLY C 188 2.46 17.89 -29.55
N ASP C 189 2.76 17.53 -28.32
CA ASP C 189 4.09 17.71 -27.79
C ASP C 189 4.75 16.35 -27.95
N ALA C 190 5.61 16.27 -28.95
CA ALA C 190 6.24 15.02 -29.32
C ALA C 190 7.52 14.73 -28.50
N ARG C 191 7.95 15.72 -27.71
CA ARG C 191 9.24 15.76 -27.01
C ARG C 191 9.15 15.28 -25.59
N ASN C 192 8.83 14.02 -25.45
CA ASN C 192 8.63 13.43 -24.16
C ASN C 192 8.49 11.95 -24.37
N ASN C 193 8.25 11.29 -23.25
CA ASN C 193 8.47 9.89 -23.23
C ASN C 193 7.59 9.16 -24.24
N VAL C 194 6.30 9.48 -24.30
CA VAL C 194 5.35 8.77 -25.18
C VAL C 194 5.69 9.02 -26.66
N GLY C 195 6.00 10.27 -26.97
CA GLY C 195 6.38 10.57 -28.36
C GLY C 195 7.67 9.89 -28.78
N ASN C 196 8.66 9.95 -27.92
CA ASN C 196 9.89 9.23 -28.14
C ASN C 196 9.66 7.76 -28.36
N SER C 197 8.87 7.13 -27.48
CA SER C 197 8.71 5.70 -27.54
C SER C 197 7.89 5.31 -28.79
N LEU C 198 6.91 6.12 -29.16
CA LEU C 198 6.11 5.86 -30.39
C LEU C 198 7.02 5.91 -31.62
N MET C 199 7.95 6.84 -31.63
CA MET C 199 8.89 6.94 -32.74
C MET C 199 9.87 5.76 -32.81
N VAL C 200 10.46 5.40 -31.68
CA VAL C 200 11.37 4.25 -31.65
C VAL C 200 10.59 3.03 -32.08
N GLY C 201 9.41 2.85 -31.49
CA GLY C 201 8.52 1.76 -31.85
C GLY C 201 8.12 1.66 -33.33
N ALA C 202 7.59 2.75 -33.87
CA ALA C 202 7.31 2.83 -35.30
C ALA C 202 8.52 2.41 -36.16
N ALA C 203 9.70 2.92 -35.82
CA ALA C 203 10.91 2.60 -36.59
C ALA C 203 11.22 1.11 -36.51
N LYS C 204 11.20 0.57 -35.32
CA LYS C 204 11.48 -0.84 -35.15
C LYS C 204 10.53 -1.75 -35.94
N MET C 205 9.25 -1.39 -35.98
CA MET C 205 8.26 -2.30 -36.52
C MET C 205 7.97 -2.03 -37.98
N GLY C 206 8.71 -1.07 -38.55
CA GLY C 206 8.56 -0.74 -39.94
C GLY C 206 7.30 0.04 -40.23
N MET C 207 6.85 0.86 -39.27
CA MET C 207 5.58 1.60 -39.45
C MET C 207 5.84 2.96 -40.08
N ASP C 208 4.76 3.61 -40.49
CA ASP C 208 4.79 4.97 -41.06
C ASP C 208 4.19 5.87 -40.02
N ILE C 209 5.04 6.61 -39.32
CA ILE C 209 4.61 7.54 -38.28
C ILE C 209 4.80 8.97 -38.72
N ARG C 210 3.82 9.81 -38.42
CA ARG C 210 3.98 11.26 -38.52
C ARG C 210 3.89 11.89 -37.14
N LEU C 211 4.89 12.68 -36.78
CA LEU C 211 4.84 13.51 -35.57
C LEU C 211 4.43 14.90 -35.96
N VAL C 212 3.31 15.34 -35.46
CA VAL C 212 2.64 16.55 -35.94
C VAL C 212 2.43 17.48 -34.77
N GLY C 213 3.15 18.58 -34.78
CA GLY C 213 3.28 19.48 -33.65
C GLY C 213 4.27 20.59 -33.94
N PRO C 214 4.36 21.58 -33.04
CA PRO C 214 5.30 22.67 -33.30
C PRO C 214 6.71 22.15 -33.27
N GLN C 215 7.52 22.67 -34.17
CA GLN C 215 8.88 22.28 -34.34
C GLN C 215 9.69 22.27 -33.04
N ALA C 216 9.45 23.24 -32.15
CA ALA C 216 10.21 23.32 -30.90
C ALA C 216 10.00 22.06 -30.04
N TYR C 217 8.91 21.34 -30.29
CA TYR C 217 8.55 20.17 -29.50
C TYR C 217 8.67 18.85 -30.24
N TRP C 218 9.37 18.85 -31.36
CA TRP C 218 9.72 17.58 -31.94
C TRP C 218 10.68 16.84 -30.97
N PRO C 219 10.76 15.53 -31.11
CA PRO C 219 11.78 14.82 -30.27
C PRO C 219 13.22 15.26 -30.51
N ASP C 220 14.07 15.03 -29.52
CA ASP C 220 15.49 15.21 -29.63
C ASP C 220 16.07 14.78 -31.00
N GLU C 221 16.91 15.62 -31.58
CA GLU C 221 17.37 15.43 -32.97
C GLU C 221 18.25 14.21 -33.03
N GLU C 222 18.98 13.98 -31.97
CA GLU C 222 19.85 12.84 -31.92
C GLU C 222 19.03 11.55 -31.94
N LEU C 223 17.95 11.53 -31.19
CA LEU C 223 17.06 10.37 -31.19
C LEU C 223 16.33 10.18 -32.54
N VAL C 224 15.86 11.26 -33.13
CA VAL C 224 15.29 11.19 -34.50
C VAL C 224 16.26 10.53 -35.47
N ALA C 225 17.52 10.90 -35.38
CA ALA C 225 18.47 10.41 -36.36
C ALA C 225 18.70 8.93 -36.16
N ALA C 226 18.73 8.50 -34.90
CA ALA C 226 18.95 7.08 -34.61
C ALA C 226 17.74 6.28 -35.08
N CYS C 227 16.56 6.88 -34.95
CA CYS C 227 15.33 6.26 -35.42
C CYS C 227 15.26 6.23 -36.95
N GLN C 228 15.78 7.25 -37.60
CA GLN C 228 15.77 7.30 -39.07
C GLN C 228 16.61 6.15 -39.62
N ALA C 229 17.74 5.91 -38.96
CA ALA C 229 18.62 4.84 -39.38
C ALA C 229 17.95 3.47 -39.17
N ILE C 230 17.28 3.30 -38.04
CA ILE C 230 16.55 2.06 -37.81
C ILE C 230 15.49 1.86 -38.89
N ALA C 231 14.71 2.90 -39.15
CA ALA C 231 13.56 2.83 -40.06
C ALA C 231 13.95 2.43 -41.46
N LYS C 232 15.17 2.78 -41.82
CA LYS C 232 15.72 2.40 -43.12
C LYS C 232 15.87 0.91 -43.27
N GLN C 233 16.35 0.26 -42.22
CA GLN C 233 16.58 -1.20 -42.23
C GLN C 233 15.25 -1.94 -42.16
N THR C 234 14.21 -1.33 -41.59
CA THR C 234 12.91 -1.99 -41.44
C THR C 234 11.88 -1.59 -42.48
N GLY C 235 12.16 -0.60 -43.33
CA GLY C 235 11.16 -0.13 -44.32
C GLY C 235 10.11 0.72 -43.67
N GLY C 236 10.47 1.32 -42.56
CA GLY C 236 9.55 2.19 -41.85
C GLY C 236 9.71 3.58 -42.40
N LYS C 237 8.92 4.49 -41.84
CA LYS C 237 9.01 5.87 -42.24
C LYS C 237 8.61 6.83 -41.12
N ILE C 238 9.40 7.90 -41.04
CA ILE C 238 9.24 8.92 -40.02
C ILE C 238 9.17 10.28 -40.64
N THR C 239 8.10 10.99 -40.37
CA THR C 239 7.93 12.35 -40.84
C THR C 239 7.61 13.28 -39.65
N LEU C 240 8.26 14.44 -39.61
CA LEU C 240 8.02 15.49 -38.62
C LEU C 240 7.45 16.67 -39.32
N THR C 241 6.33 17.21 -38.88
CA THR C 241 5.79 18.38 -39.54
C THR C 241 4.91 19.21 -38.61
N GLU C 242 4.78 20.50 -38.95
CA GLU C 242 3.85 21.42 -38.32
C GLU C 242 2.52 21.46 -39.04
N ASN C 243 2.44 20.82 -40.21
CA ASN C 243 1.20 20.83 -40.97
C ASN C 243 0.25 19.69 -40.65
N VAL C 244 -0.87 20.02 -40.04
CA VAL C 244 -1.87 19.02 -39.66
C VAL C 244 -2.43 18.20 -40.85
N ALA C 245 -2.91 18.90 -41.87
CA ALA C 245 -3.51 18.24 -43.03
C ALA C 245 -2.57 17.22 -43.64
N GLU C 246 -1.34 17.63 -43.84
CA GLU C 246 -0.40 16.73 -44.47
C GLU C 246 0.01 15.64 -43.50
N GLY C 247 0.15 15.98 -42.23
CA GLY C 247 0.62 15.00 -41.27
C GLY C 247 -0.37 13.85 -41.11
N VAL C 248 -1.68 14.15 -41.13
CA VAL C 248 -2.71 13.16 -40.81
C VAL C 248 -3.35 12.44 -42.00
N GLN C 249 -3.08 12.92 -43.22
CA GLN C 249 -3.65 12.38 -44.44
C GLN C 249 -3.36 10.89 -44.53
N GLY C 250 -4.44 10.11 -44.70
CA GLY C 250 -4.34 8.64 -44.89
C GLY C 250 -4.13 7.80 -43.60
N CYS C 251 -4.17 8.44 -42.44
CA CYS C 251 -3.86 7.75 -41.19
C CYS C 251 -4.96 6.82 -40.75
N ASP C 252 -4.52 5.65 -40.28
CA ASP C 252 -5.39 4.66 -39.63
C ASP C 252 -5.70 5.05 -38.17
N PHE C 253 -4.71 5.62 -37.47
CA PHE C 253 -4.88 6.05 -36.10
C PHE C 253 -4.34 7.45 -35.92
N LEU C 254 -5.04 8.20 -35.06
CA LEU C 254 -4.57 9.47 -34.56
C LEU C 254 -4.38 9.32 -33.04
N TYR C 255 -3.27 9.82 -32.56
CA TYR C 255 -2.83 9.64 -31.17
C TYR C 255 -2.51 11.02 -30.61
N THR C 256 -2.93 11.28 -29.39
CA THR C 256 -2.46 12.49 -28.73
C THR C 256 -2.31 12.26 -27.22
N ASP C 257 -1.87 13.31 -26.55
CA ASP C 257 -1.61 13.24 -25.11
C ASP C 257 -1.70 14.65 -24.54
N VAL C 258 -1.90 14.75 -23.24
CA VAL C 258 -1.93 16.05 -22.57
C VAL C 258 -0.66 16.85 -22.94
N TRP C 259 -0.79 18.10 -23.30
CA TRP C 259 0.40 18.87 -23.65
C TRP C 259 0.74 20.07 -22.73
N VAL C 260 -0.08 20.35 -21.73
CA VAL C 260 0.31 21.24 -20.66
C VAL C 260 1.10 20.43 -19.62
N SER C 261 1.83 21.16 -18.78
CA SER C 261 2.64 20.55 -17.72
C SER C 261 1.80 20.37 -16.47
N MET C 262 1.82 19.16 -15.91
CA MET C 262 1.07 18.85 -14.69
C MET C 262 1.74 19.46 -13.46
N GLY C 263 3.07 19.62 -13.45
CA GLY C 263 3.75 20.34 -12.37
C GLY C 263 3.39 21.83 -12.28
N GLU C 264 2.82 22.40 -13.36
CA GLU C 264 2.34 23.76 -13.40
C GLU C 264 0.82 23.90 -13.21
N SER C 265 0.43 25.05 -12.63
CA SER C 265 -0.98 25.46 -12.50
C SER C 265 -1.55 25.90 -13.87
N PRO C 266 -2.89 25.80 -14.05
CA PRO C 266 -3.64 26.38 -15.22
C PRO C 266 -3.43 27.86 -15.49
N GLU C 267 -2.99 28.59 -14.48
CA GLU C 267 -2.56 29.99 -14.65
C GLU C 267 -1.29 30.20 -15.52
N ALA C 268 -0.38 29.22 -15.56
CA ALA C 268 0.93 29.25 -16.27
C ALA C 268 0.86 28.81 -17.74
N TRP C 269 -0.31 28.25 -18.11
CA TRP C 269 -0.56 27.54 -19.38
C TRP C 269 -0.85 28.41 -20.61
N ASP C 270 -0.90 29.74 -20.49
CA ASP C 270 -1.30 30.60 -21.65
C ASP C 270 -0.46 30.45 -22.89
N GLU C 271 0.85 30.44 -22.72
CA GLU C 271 1.71 30.38 -23.88
C GLU C 271 1.53 29.00 -24.55
N ARG C 272 1.61 27.94 -23.74
CA ARG C 272 1.70 26.57 -24.23
C ARG C 272 0.42 26.20 -24.92
N VAL C 273 -0.70 26.67 -24.37
CA VAL C 273 -2.03 26.44 -24.96
C VAL C 273 -2.18 27.06 -26.33
N ALA C 274 -1.82 28.32 -26.47
CA ALA C 274 -1.95 28.98 -27.74
C ALA C 274 -1.07 28.30 -28.80
N LEU C 275 0.13 27.95 -28.40
CA LEU C 275 1.03 27.22 -29.27
C LEU C 275 0.53 25.82 -29.67
N MET C 276 -0.13 25.12 -28.77
CA MET C 276 -0.49 23.74 -29.04
C MET C 276 -1.91 23.61 -29.60
N LYS C 277 -2.71 24.63 -29.36
CA LYS C 277 -4.12 24.65 -29.75
C LYS C 277 -4.41 24.14 -31.17
N PRO C 278 -3.68 24.64 -32.17
CA PRO C 278 -3.99 24.19 -33.55
C PRO C 278 -3.77 22.67 -33.76
N TYR C 279 -3.14 21.97 -32.82
CA TYR C 279 -2.92 20.54 -32.95
C TYR C 279 -3.95 19.72 -32.14
N GLN C 280 -4.98 20.39 -31.63
CA GLN C 280 -6.05 19.71 -30.93
C GLN C 280 -6.63 18.64 -31.85
N VAL C 281 -6.96 17.47 -31.31
CA VAL C 281 -7.71 16.50 -32.10
C VAL C 281 -9.22 16.74 -31.95
N ASN C 282 -9.85 17.22 -33.01
CA ASN C 282 -11.28 17.41 -33.03
C ASN C 282 -11.82 16.73 -34.29
N MET C 283 -13.12 16.79 -34.52
CA MET C 283 -13.76 16.08 -35.65
C MET C 283 -13.19 16.50 -36.99
N ASN C 284 -12.82 17.77 -37.09
CA ASN C 284 -12.24 18.25 -38.33
C ASN C 284 -10.98 17.46 -38.65
N VAL C 285 -10.16 17.25 -37.64
CA VAL C 285 -8.89 16.59 -37.86
C VAL C 285 -9.13 15.17 -38.37
N LEU C 286 -10.12 14.50 -37.77
CA LEU C 286 -10.50 13.17 -38.19
C LEU C 286 -10.91 13.21 -39.61
N LYS C 287 -11.71 14.21 -39.97
CA LYS C 287 -12.09 14.44 -41.40
C LYS C 287 -10.89 14.60 -42.33
N GLN C 288 -9.88 15.35 -41.88
CA GLN C 288 -8.72 15.59 -42.74
C GLN C 288 -7.92 14.32 -43.00
N THR C 289 -8.17 13.25 -42.27
CA THR C 289 -7.50 11.98 -42.63
C THR C 289 -8.02 11.41 -43.95
N GLY C 290 -9.28 11.74 -44.28
CA GLY C 290 -9.96 11.15 -45.42
C GLY C 290 -10.37 9.70 -45.15
N ASN C 291 -10.27 9.26 -43.91
CA ASN C 291 -10.50 7.88 -43.60
C ASN C 291 -11.67 7.72 -42.62
N PRO C 292 -12.81 7.29 -43.13
CA PRO C 292 -13.99 7.09 -42.27
C PRO C 292 -13.78 6.08 -41.14
N ASN C 293 -12.81 5.18 -41.29
CA ASN C 293 -12.50 4.16 -40.26
C ASN C 293 -11.37 4.55 -39.30
N VAL C 294 -10.95 5.81 -39.36
CA VAL C 294 -9.85 6.29 -38.54
C VAL C 294 -10.20 6.09 -37.06
N LYS C 295 -9.21 5.70 -36.27
CA LYS C 295 -9.46 5.54 -34.86
C LYS C 295 -8.60 6.50 -34.06
N PHE C 296 -9.12 6.83 -32.89
CA PHE C 296 -8.50 7.76 -32.00
C PHE C 296 -7.92 7.07 -30.74
N MET C 297 -6.69 7.44 -30.42
CA MET C 297 -5.94 6.87 -29.29
C MET C 297 -5.38 7.98 -28.39
N HIS C 298 -5.20 7.63 -27.12
CA HIS C 298 -4.70 8.54 -26.09
C HIS C 298 -4.20 7.68 -24.95
N CYS C 299 -3.01 7.98 -24.45
CA CYS C 299 -2.43 7.14 -23.33
C CYS C 299 -3.15 7.32 -21.97
N LEU C 300 -3.79 8.47 -21.78
CA LEU C 300 -4.59 8.84 -20.64
C LEU C 300 -3.67 9.17 -19.47
N PRO C 301 -4.14 10.02 -18.52
CA PRO C 301 -5.43 10.73 -18.53
C PRO C 301 -5.51 11.79 -19.50
N ALA C 302 -6.74 12.19 -19.82
CA ALA C 302 -6.97 13.14 -20.85
C ALA C 302 -7.84 14.26 -20.36
N PHE C 303 -7.58 15.44 -20.91
CA PHE C 303 -8.37 16.62 -20.61
C PHE C 303 -9.23 16.84 -21.80
N HIS C 304 -10.44 16.33 -21.73
CA HIS C 304 -11.38 16.37 -22.82
C HIS C 304 -12.69 17.06 -22.52
N ASN C 305 -12.88 17.53 -21.30
CA ASN C 305 -14.11 18.30 -20.99
C ASN C 305 -13.93 19.17 -19.78
N ASP C 306 -15.03 19.79 -19.39
CA ASP C 306 -15.05 20.65 -18.23
C ASP C 306 -15.57 19.94 -16.99
N GLU C 307 -15.56 18.61 -16.95
CA GLU C 307 -16.12 17.90 -15.76
C GLU C 307 -15.23 17.92 -14.56
N THR C 308 -13.92 18.01 -14.77
CA THR C 308 -12.98 18.02 -13.66
C THR C 308 -12.79 19.47 -13.12
N THR C 309 -12.12 19.59 -12.00
CA THR C 309 -11.77 20.95 -11.50
C THR C 309 -10.81 21.67 -12.49
N ILE C 310 -9.78 20.98 -12.98
CA ILE C 310 -8.88 21.55 -13.97
C ILE C 310 -9.60 21.83 -15.28
N GLY C 311 -10.47 20.95 -15.74
CA GLY C 311 -11.34 21.27 -16.90
C GLY C 311 -12.26 22.51 -16.76
N LYS C 312 -12.78 22.75 -15.58
CA LYS C 312 -13.59 23.94 -15.28
C LYS C 312 -12.75 25.24 -15.42
N GLN C 313 -11.60 25.22 -14.77
CA GLN C 313 -10.62 26.30 -14.82
C GLN C 313 -10.22 26.62 -16.25
N VAL C 314 -9.83 25.60 -16.99
CA VAL C 314 -9.45 25.77 -18.40
C VAL C 314 -10.62 26.33 -19.23
N ALA C 315 -11.80 25.78 -19.04
CA ALA C 315 -12.96 26.26 -19.76
C ALA C 315 -13.19 27.75 -19.47
N ASP C 316 -13.04 28.15 -18.22
CA ASP C 316 -13.19 29.57 -17.84
C ASP C 316 -12.11 30.47 -18.42
N LYS C 317 -10.86 30.07 -18.20
CA LYS C 317 -9.68 30.81 -18.64
C LYS C 317 -9.40 30.92 -20.16
N PHE C 318 -9.56 29.82 -20.93
CA PHE C 318 -9.19 29.84 -22.33
C PHE C 318 -10.38 29.63 -23.25
N GLY C 319 -11.59 29.64 -22.69
CA GLY C 319 -12.80 29.41 -23.48
C GLY C 319 -12.87 28.07 -24.23
N MET C 320 -12.19 27.02 -23.72
CA MET C 320 -12.09 25.71 -24.37
C MET C 320 -12.68 24.59 -23.53
N LYS C 321 -13.55 23.77 -24.12
CA LYS C 321 -14.05 22.55 -23.46
C LYS C 321 -13.22 21.40 -23.98
N GLY C 322 -12.17 21.05 -23.26
CA GLY C 322 -11.24 20.08 -23.73
C GLY C 322 -10.02 20.75 -24.34
N LEU C 323 -8.87 20.12 -24.16
CA LEU C 323 -7.59 20.64 -24.65
C LEU C 323 -7.10 19.82 -25.83
N GLU C 324 -6.33 18.76 -25.58
CA GLU C 324 -5.68 18.06 -26.67
C GLU C 324 -6.67 17.27 -27.51
N VAL C 325 -7.84 16.97 -26.95
CA VAL C 325 -8.89 16.29 -27.68
C VAL C 325 -10.22 16.80 -27.19
N THR C 326 -11.24 16.77 -28.04
CA THR C 326 -12.62 17.23 -27.67
C THR C 326 -13.44 16.06 -27.16
N GLU C 327 -14.52 16.38 -26.43
CA GLU C 327 -15.42 15.37 -25.82
C GLU C 327 -16.07 14.52 -26.93
N GLU C 328 -16.49 15.20 -27.98
CA GLU C 328 -17.09 14.56 -29.12
C GLU C 328 -16.15 13.49 -29.69
N VAL C 329 -14.86 13.80 -29.85
CA VAL C 329 -13.98 12.78 -30.39
C VAL C 329 -13.76 11.68 -29.34
N PHE C 330 -13.55 12.07 -28.09
CA PHE C 330 -13.16 11.16 -27.03
C PHE C 330 -14.21 10.09 -26.78
N GLU C 331 -15.49 10.48 -26.84
CA GLU C 331 -16.60 9.56 -26.62
C GLU C 331 -17.19 8.96 -27.90
N SER C 332 -16.64 9.29 -29.07
CA SER C 332 -17.21 8.81 -30.33
C SER C 332 -16.84 7.36 -30.55
N GLU C 333 -17.50 6.78 -31.56
CA GLU C 333 -17.24 5.45 -31.99
C GLU C 333 -15.84 5.30 -32.50
N HIS C 334 -15.23 6.37 -32.93
CA HIS C 334 -13.82 6.30 -33.35
C HIS C 334 -12.82 6.06 -32.21
N SER C 335 -13.21 6.38 -30.98
CA SER C 335 -12.28 6.35 -29.84
C SER C 335 -12.08 4.92 -29.35
N ILE C 336 -10.82 4.48 -29.20
CA ILE C 336 -10.52 3.15 -28.67
C ILE C 336 -9.63 3.24 -27.40
N VAL C 337 -9.71 4.38 -26.73
CA VAL C 337 -8.90 4.65 -25.55
C VAL C 337 -9.10 3.64 -24.44
N PHE C 338 -10.31 3.04 -24.29
CA PHE C 338 -10.48 2.15 -23.14
C PHE C 338 -9.98 0.72 -23.43
N ASP C 339 -10.05 0.32 -24.70
CA ASP C 339 -9.39 -0.91 -25.14
C ASP C 339 -7.89 -0.75 -24.97
N GLU C 340 -7.40 0.43 -25.35
CA GLU C 340 -5.97 0.72 -25.25
C GLU C 340 -5.50 0.65 -23.78
N ALA C 341 -6.33 1.18 -22.88
CA ALA C 341 -6.04 1.17 -21.41
C ALA C 341 -6.07 -0.24 -20.90
N GLU C 342 -7.04 -1.02 -21.35
CA GLU C 342 -7.08 -2.42 -20.87
C GLU C 342 -5.80 -3.16 -21.30
N ASN C 343 -5.34 -2.85 -22.52
CA ASN C 343 -4.16 -3.54 -23.09
C ASN C 343 -2.83 -3.28 -22.34
N ARG C 344 -2.77 -2.23 -21.55
CA ARG C 344 -1.62 -2.00 -20.65
C ARG C 344 -1.34 -3.24 -19.82
N MET C 345 -2.39 -3.88 -19.37
CA MET C 345 -2.22 -4.99 -18.49
C MET C 345 -1.72 -6.22 -19.25
N HIS C 346 -2.36 -6.52 -20.36
CA HIS C 346 -1.97 -7.73 -21.14
C HIS C 346 -0.54 -7.69 -21.64
N THR C 347 -0.09 -6.51 -22.07
CA THR C 347 1.26 -6.35 -22.50
C THR C 347 2.28 -6.40 -21.35
N ILE C 348 1.98 -5.71 -20.23
CA ILE C 348 2.85 -5.76 -19.07
C ILE C 348 2.97 -7.20 -18.60
N LYS C 349 1.88 -7.95 -18.72
CA LYS C 349 1.91 -9.36 -18.42
C LYS C 349 2.89 -10.13 -19.28
N ALA C 350 2.87 -9.84 -20.59
CA ALA C 350 3.81 -10.49 -21.52
C ALA C 350 5.27 -10.21 -21.18
N VAL C 351 5.54 -8.94 -20.90
CA VAL C 351 6.90 -8.59 -20.46
C VAL C 351 7.35 -9.42 -19.26
N MET C 352 6.52 -9.51 -18.24
CA MET C 352 6.92 -10.23 -17.02
C MET C 352 7.04 -11.70 -17.28
N VAL C 353 6.09 -12.23 -18.06
CA VAL C 353 6.09 -13.66 -18.41
C VAL C 353 7.31 -14.01 -19.25
N ALA C 354 7.67 -13.19 -20.23
CA ALA C 354 8.82 -13.50 -21.09
C ALA C 354 10.15 -13.42 -20.33
N THR C 355 10.28 -12.44 -19.44
CA THR C 355 11.56 -12.19 -18.78
C THR C 355 11.73 -12.99 -17.53
N LEU C 356 10.65 -13.34 -16.88
CA LEU C 356 10.78 -14.00 -15.57
C LEU C 356 10.07 -15.34 -15.51
N GLY C 357 9.26 -15.64 -16.53
CA GLY C 357 8.29 -16.71 -16.47
C GLY C 357 8.98 -18.04 -16.62
N SER C 358 8.41 -19.05 -15.97
CA SER C 358 8.96 -20.40 -15.88
C SER C 358 7.91 -21.26 -16.50
N CP D . -16.37 1.91 11.43
C CP D . -15.57 2.26 10.41
O CP D . -15.94 2.51 9.21
O4P CP D . -14.19 2.35 10.78
P CP D . -13.07 2.94 9.81
O1P CP D . -13.47 4.38 9.66
O2P CP D . -11.89 2.48 10.75
O3P CP D . -13.17 2.10 8.56
CL CL E . -27.18 2.81 3.86
N CP F . 18.02 -1.63 8.83
C CP F . 16.69 -1.47 8.59
O CP F . 15.81 -1.74 9.42
O4P CP F . 16.27 -0.89 7.33
P CP F . 14.80 -0.17 7.05
O1P CP F . 14.64 1.03 7.91
O2P CP F . 15.11 0.21 5.57
O3P CP F . 13.67 -1.12 7.51
CL CL G . 16.38 -6.13 21.19
CL CL H . 10.86 2.82 -25.51
MG MG I . 9.59 -18.21 -4.92
#